data_3JXR
# 
_entry.id   3JXR 
# 
_audit_conform.dict_name       mmcif_pdbx.dic 
_audit_conform.dict_version    5.387 
_audit_conform.dict_location   http://mmcif.pdb.org/dictionaries/ascii/mmcif_pdbx.dic 
# 
loop_
_database_2.database_id 
_database_2.database_code 
_database_2.pdbx_database_accession 
_database_2.pdbx_DOI 
PDB   3JXR         pdb_00003jxr 10.2210/pdb3jxr/pdb 
NDB   NA0194       ?            ?                   
RCSB  RCSB055292   ?            ?                   
WWPDB D_1000055292 ?            ?                   
# 
loop_
_pdbx_audit_revision_history.ordinal 
_pdbx_audit_revision_history.data_content_type 
_pdbx_audit_revision_history.major_revision 
_pdbx_audit_revision_history.minor_revision 
_pdbx_audit_revision_history.revision_date 
1 'Structure model' 1 0 2010-02-09 
2 'Structure model' 1 1 2011-07-13 
3 'Structure model' 1 2 2015-09-09 
4 'Structure model' 1 3 2024-02-21 
# 
_pdbx_audit_revision_details.ordinal             1 
_pdbx_audit_revision_details.revision_ordinal    1 
_pdbx_audit_revision_details.data_content_type   'Structure model' 
_pdbx_audit_revision_details.provider            repository 
_pdbx_audit_revision_details.type                'Initial release' 
_pdbx_audit_revision_details.description         ? 
_pdbx_audit_revision_details.details             ? 
# 
loop_
_pdbx_audit_revision_group.ordinal 
_pdbx_audit_revision_group.revision_ordinal 
_pdbx_audit_revision_group.data_content_type 
_pdbx_audit_revision_group.group 
1 2 'Structure model' 'Version format compliance' 
2 3 'Structure model' 'Refinement description'    
3 4 'Structure model' 'Data collection'           
4 4 'Structure model' 'Database references'       
5 4 'Structure model' 'Derived calculations'      
# 
loop_
_pdbx_audit_revision_category.ordinal 
_pdbx_audit_revision_category.revision_ordinal 
_pdbx_audit_revision_category.data_content_type 
_pdbx_audit_revision_category.category 
1 4 'Structure model' chem_comp_atom 
2 4 'Structure model' chem_comp_bond 
3 4 'Structure model' database_2     
4 4 'Structure model' diffrn_source  
5 4 'Structure model' struct_conn    
# 
loop_
_pdbx_audit_revision_item.ordinal 
_pdbx_audit_revision_item.revision_ordinal 
_pdbx_audit_revision_item.data_content_type 
_pdbx_audit_revision_item.item 
1 4 'Structure model' '_database_2.pdbx_DOI'                 
2 4 'Structure model' '_database_2.pdbx_database_accession'  
3 4 'Structure model' '_diffrn_source.pdbx_synchrotron_site' 
4 4 'Structure model' '_struct_conn.pdbx_leaving_atom_flag'  
# 
_pdbx_database_status.status_code                     REL 
_pdbx_database_status.entry_id                        3JXR 
_pdbx_database_status.recvd_initial_deposition_date   2009-09-21 
_pdbx_database_status.deposit_site                    RCSB 
_pdbx_database_status.process_site                    RCSB 
_pdbx_database_status.status_code_sf                  REL 
_pdbx_database_status.status_code_mr                  ? 
_pdbx_database_status.SG_entry                        ? 
_pdbx_database_status.status_code_cs                  ? 
_pdbx_database_status.methods_development_category    ? 
_pdbx_database_status.pdb_format_compatible           Y 
_pdbx_database_status.status_code_nmr_data            ? 
# 
_pdbx_database_related.db_name        PDB 
_pdbx_database_related.db_id          3JXQ 
_pdbx_database_related.details        . 
_pdbx_database_related.content_type   unspecified 
# 
loop_
_audit_author.name 
_audit_author.pdbx_ordinal 
'Adamiak, D.A.'  1 
'Milecki, J.'    2 
'Adamiak, R.W.'  3 
'Rypniewski, W.' 4 
# 
_citation.id                        primary 
_citation.title                     
'The hydration and unusual hydrogen bonding in the crystal structure of an RNA duplex containing alternating CG base pairs' 
_citation.journal_abbrev            'New J.Chem.' 
_citation.journal_volume            34 
_citation.page_first                903 
_citation.page_last                 906 
_citation.year                      2010 
_citation.journal_id_ASTM           ? 
_citation.country                   FR 
_citation.journal_id_ISSN           1144-0546 
_citation.journal_id_CSD            ? 
_citation.book_publisher            ? 
_citation.pdbx_database_id_PubMed   ? 
_citation.pdbx_database_id_DOI      10.1039/b9nj00601j 
# 
loop_
_citation_author.citation_id 
_citation_author.name 
_citation_author.ordinal 
_citation_author.identifier_ORCID 
primary 'Adamiak, D.A.'  1 ? 
primary 'Milecki, J.'    2 ? 
primary 'Adamiak, R.W.'  3 ? 
primary 'Rypniewski, W.' 4 ? 
# 
loop_
_entity.id 
_entity.type 
_entity.src_method 
_entity.pdbx_description 
_entity.formula_weight 
_entity.pdbx_number_of_molecules 
_entity.pdbx_ec 
_entity.pdbx_mutation 
_entity.pdbx_fragment 
_entity.details 
1 polymer syn 'r[CGCG(5-fluoro)CG]2' 1924.195 3  ? ? ? ? 
2 water   nat water                  18.015   60 ? ? ? ? 
# 
_entity_poly.entity_id                      1 
_entity_poly.type                           polyribonucleotide 
_entity_poly.nstd_linkage                   no 
_entity_poly.nstd_monomer                   yes 
_entity_poly.pdbx_seq_one_letter_code       'CGCG(5CF)G' 
_entity_poly.pdbx_seq_one_letter_code_can   CGCGXG 
_entity_poly.pdbx_strand_id                 A,B,K 
_entity_poly.pdbx_target_identifier         ? 
# 
_pdbx_entity_nonpoly.entity_id   2 
_pdbx_entity_nonpoly.name        water 
_pdbx_entity_nonpoly.comp_id     HOH 
# 
loop_
_entity_poly_seq.entity_id 
_entity_poly_seq.num 
_entity_poly_seq.mon_id 
_entity_poly_seq.hetero 
1 1 C   n 
1 2 G   n 
1 3 C   n 
1 4 G   n 
1 5 5CF n 
1 6 G   n 
# 
_pdbx_entity_src_syn.entity_id              1 
_pdbx_entity_src_syn.pdbx_src_id            1 
_pdbx_entity_src_syn.pdbx_alt_source_flag   sample 
_pdbx_entity_src_syn.pdbx_beg_seq_num       ? 
_pdbx_entity_src_syn.pdbx_end_seq_num       ? 
_pdbx_entity_src_syn.organism_scientific    ? 
_pdbx_entity_src_syn.organism_common_name   ? 
_pdbx_entity_src_syn.ncbi_taxonomy_id       ? 
_pdbx_entity_src_syn.details                'This is a modification of a naturally occuring sequence' 
# 
loop_
_chem_comp.id 
_chem_comp.type 
_chem_comp.mon_nstd_flag 
_chem_comp.name 
_chem_comp.pdbx_synonyms 
_chem_comp.formula 
_chem_comp.formula_weight 
5CF 'RNA linking' . 
;5-fluorocytidine 5'-(dihydrogen phosphate)
;
? 'C9 H13 F N3 O8 P' 341.187 
C   'RNA linking' y "CYTIDINE-5'-MONOPHOSPHATE"                  ? 'C9 H14 N3 O8 P'   323.197 
G   'RNA linking' y "GUANOSINE-5'-MONOPHOSPHATE"                 ? 'C10 H14 N5 O8 P'  363.221 
HOH non-polymer   . WATER                                        ? 'H2 O'             18.015  
# 
loop_
_pdbx_poly_seq_scheme.asym_id 
_pdbx_poly_seq_scheme.entity_id 
_pdbx_poly_seq_scheme.seq_id 
_pdbx_poly_seq_scheme.mon_id 
_pdbx_poly_seq_scheme.ndb_seq_num 
_pdbx_poly_seq_scheme.pdb_seq_num 
_pdbx_poly_seq_scheme.auth_seq_num 
_pdbx_poly_seq_scheme.pdb_mon_id 
_pdbx_poly_seq_scheme.auth_mon_id 
_pdbx_poly_seq_scheme.pdb_strand_id 
_pdbx_poly_seq_scheme.pdb_ins_code 
_pdbx_poly_seq_scheme.hetero 
A 1 1 C   1 1 1 C   C   A . n 
A 1 2 G   2 2 2 G   G   A . n 
A 1 3 C   3 3 3 C   C   A . n 
A 1 4 G   4 4 4 G   G   A . n 
A 1 5 5CF 5 5 5 5CF 5CF A . n 
A 1 6 G   6 6 6 G   G   A . n 
B 1 1 C   1 1 1 C   C   B . n 
B 1 2 G   2 2 2 G   G   B . n 
B 1 3 C   3 3 3 C   C   B . n 
B 1 4 G   4 4 4 G   G   B . n 
B 1 5 5CF 5 5 5 5CF 5CF B . n 
B 1 6 G   6 6 6 G   G   B . n 
C 1 1 C   1 1 1 C   C   K . n 
C 1 2 G   2 2 2 G   G   K . n 
C 1 3 C   3 3 3 C   C   K . n 
C 1 4 G   4 4 4 G   G   K . n 
C 1 5 5CF 5 5 5 5CF 5CF K . n 
C 1 6 G   6 6 6 G   G   K . n 
# 
loop_
_pdbx_nonpoly_scheme.asym_id 
_pdbx_nonpoly_scheme.entity_id 
_pdbx_nonpoly_scheme.mon_id 
_pdbx_nonpoly_scheme.ndb_seq_num 
_pdbx_nonpoly_scheme.pdb_seq_num 
_pdbx_nonpoly_scheme.auth_seq_num 
_pdbx_nonpoly_scheme.pdb_mon_id 
_pdbx_nonpoly_scheme.auth_mon_id 
_pdbx_nonpoly_scheme.pdb_strand_id 
_pdbx_nonpoly_scheme.pdb_ins_code 
D 2 HOH 1  7  3  HOH HOH A . 
D 2 HOH 2  8  4  HOH HOH A . 
D 2 HOH 3  9  9  HOH HOH A . 
D 2 HOH 4  10 5  HOH HOH A . 
D 2 HOH 5  13 13 HOH HOH A . 
D 2 HOH 6  14 14 HOH HOH A . 
D 2 HOH 7  15 15 HOH HOH A . 
D 2 HOH 8  16 16 HOH HOH A . 
D 2 HOH 9  17 17 HOH HOH A . 
D 2 HOH 10 18 18 HOH HOH A . 
D 2 HOH 11 19 19 HOH HOH A . 
D 2 HOH 12 21 21 HOH HOH A . 
D 2 HOH 13 23 23 HOH HOH A . 
D 2 HOH 14 26 26 HOH HOH A . 
D 2 HOH 15 31 31 HOH HOH A . 
D 2 HOH 16 32 32 HOH HOH A . 
D 2 HOH 17 33 33 HOH HOH A . 
D 2 HOH 18 34 34 HOH HOH A . 
D 2 HOH 19 35 35 HOH HOH A . 
D 2 HOH 20 37 37 HOH HOH A . 
D 2 HOH 21 40 40 HOH HOH A . 
D 2 HOH 22 41 41 HOH HOH A . 
D 2 HOH 23 42 42 HOH HOH A . 
D 2 HOH 24 44 44 HOH HOH A . 
D 2 HOH 25 45 45 HOH HOH A . 
D 2 HOH 26 52 52 HOH HOH A . 
D 2 HOH 27 54 54 HOH HOH A . 
D 2 HOH 28 55 55 HOH HOH A . 
D 2 HOH 29 56 56 HOH HOH A . 
D 2 HOH 30 58 58 HOH HOH A . 
D 2 HOH 31 59 59 HOH HOH A . 
E 2 HOH 1  7  7  HOH HOH B . 
E 2 HOH 2  8  8  HOH HOH B . 
E 2 HOH 3  9  1  HOH HOH B . 
E 2 HOH 4  10 10 HOH HOH B . 
E 2 HOH 5  11 11 HOH HOH B . 
E 2 HOH 6  12 12 HOH HOH B . 
E 2 HOH 7  13 2  HOH HOH B . 
E 2 HOH 8  14 6  HOH HOH B . 
E 2 HOH 9  20 20 HOH HOH B . 
E 2 HOH 10 22 22 HOH HOH B . 
E 2 HOH 11 24 24 HOH HOH B . 
E 2 HOH 12 25 25 HOH HOH B . 
E 2 HOH 13 27 27 HOH HOH B . 
E 2 HOH 14 28 28 HOH HOH B . 
E 2 HOH 15 29 29 HOH HOH B . 
E 2 HOH 16 36 36 HOH HOH B . 
E 2 HOH 17 43 43 HOH HOH B . 
E 2 HOH 18 47 47 HOH HOH B . 
E 2 HOH 19 48 48 HOH HOH B . 
E 2 HOH 20 50 50 HOH HOH B . 
E 2 HOH 21 51 51 HOH HOH B . 
E 2 HOH 22 57 57 HOH HOH B . 
E 2 HOH 23 60 60 HOH HOH B . 
F 2 HOH 1  30 30 HOH HOH K . 
F 2 HOH 2  38 38 HOH HOH K . 
F 2 HOH 3  39 39 HOH HOH K . 
F 2 HOH 4  46 46 HOH HOH K . 
F 2 HOH 5  49 49 HOH HOH K . 
F 2 HOH 6  53 53 HOH HOH K . 
# 
loop_
_software.name 
_software.classification 
_software.version 
_software.citation_id 
_software.pdbx_ordinal 
MAR345dtb 'data collection' .        ? 1 
MOLREP    phasing           .        ? 2 
REFMAC    refinement        5.2.0019 ? 3 
DENZO     'data reduction'  .        ? 4 
SCALEPACK 'data scaling'    .        ? 5 
# 
_cell.entry_id           3JXR 
_cell.length_a           41.116 
_cell.length_b           41.116 
_cell.length_c           143.285 
_cell.angle_alpha        90.00 
_cell.angle_beta         90.00 
_cell.angle_gamma        120.00 
_cell.Z_PDB              54 
_cell.pdbx_unique_axis   ? 
_cell.length_a_esd       ? 
_cell.length_b_esd       ? 
_cell.length_c_esd       ? 
_cell.angle_alpha_esd    ? 
_cell.angle_beta_esd     ? 
_cell.angle_gamma_esd    ? 
# 
_symmetry.entry_id                         3JXR 
_symmetry.space_group_name_H-M             'H 3 2' 
_symmetry.pdbx_full_space_group_name_H-M   ? 
_symmetry.cell_setting                     ? 
_symmetry.Int_Tables_number                155 
_symmetry.space_group_name_Hall            ? 
# 
_exptl.entry_id          3JXR 
_exptl.method            'X-RAY DIFFRACTION' 
_exptl.crystals_number   1 
# 
_exptl_crystal.id                    1 
_exptl_crystal.density_meas          ? 
_exptl_crystal.density_Matthews      2.02 
_exptl_crystal.density_percent_sol   39.07 
_exptl_crystal.description           ? 
_exptl_crystal.F_000                 ? 
_exptl_crystal.preparation           ? 
# 
_exptl_crystal_grow.crystal_id      1 
_exptl_crystal_grow.method          'VAPOR DIFFUSION, HANGING DROP' 
_exptl_crystal_grow.temp            293 
_exptl_crystal_grow.temp_details    ? 
_exptl_crystal_grow.pH              7.0 
_exptl_crystal_grow.pdbx_details    
'1.6M ammonium sulphate, 10mM magnesium chloride and 50mM HEPES, pH 7.0, VAPOR DIFFUSION, HANGING DROP, temperature 293K' 
_exptl_crystal_grow.pdbx_pH_range   ? 
# 
_diffrn.id                     1 
_diffrn.ambient_temp           100 
_diffrn.ambient_temp_details   ? 
_diffrn.crystal_id             1 
# 
_diffrn_detector.diffrn_id              1 
_diffrn_detector.detector               CCD 
_diffrn_detector.type                   'MAR CCD 165 mm' 
_diffrn_detector.pdbx_collection_date   2002-03-22 
_diffrn_detector.details                'Si(111)' 
# 
_diffrn_radiation.diffrn_id                        1 
_diffrn_radiation.wavelength_id                    1 
_diffrn_radiation.pdbx_monochromatic_or_laue_m_l   M 
_diffrn_radiation.monochromator                    'Si(111)' 
_diffrn_radiation.pdbx_diffrn_protocol             'SINGLE WAVELENGTH' 
_diffrn_radiation.pdbx_scattering_type             x-ray 
# 
_diffrn_radiation_wavelength.id           1 
_diffrn_radiation_wavelength.wavelength   0.8019 
_diffrn_radiation_wavelength.wt           1.0 
# 
_diffrn_source.diffrn_id                   1 
_diffrn_source.source                      SYNCHROTRON 
_diffrn_source.type                        'EMBL/DESY, HAMBURG BEAMLINE X13' 
_diffrn_source.pdbx_synchrotron_site       'EMBL/DESY, HAMBURG' 
_diffrn_source.pdbx_synchrotron_beamline   X13 
_diffrn_source.pdbx_wavelength             ? 
_diffrn_source.pdbx_wavelength_list        0.8019 
# 
_reflns.entry_id                     3JXR 
_reflns.observed_criterion_sigma_I   0 
_reflns.observed_criterion_sigma_F   0 
_reflns.d_resolution_low             25 
_reflns.d_resolution_high            1.25 
_reflns.number_obs                   13169 
_reflns.number_all                   13169 
_reflns.percent_possible_obs         99.1 
_reflns.pdbx_Rmerge_I_obs            ? 
_reflns.pdbx_Rsym_value              0.043 
_reflns.pdbx_netI_over_sigmaI        26 
_reflns.B_iso_Wilson_estimate        17 
_reflns.pdbx_redundancy              8.6 
_reflns.R_free_details               ? 
_reflns.limit_h_max                  ? 
_reflns.limit_h_min                  ? 
_reflns.limit_k_max                  ? 
_reflns.limit_k_min                  ? 
_reflns.limit_l_max                  ? 
_reflns.limit_l_min                  ? 
_reflns.observed_criterion_F_max     ? 
_reflns.observed_criterion_F_min     ? 
_reflns.pdbx_chi_squared             ? 
_reflns.pdbx_scaling_rejects         ? 
_reflns.pdbx_ordinal                 1 
_reflns.pdbx_diffrn_id               1 
# 
_reflns_shell.d_res_high             1.25 
_reflns_shell.d_res_low              1.27 
_reflns_shell.percent_possible_all   99.8 
_reflns_shell.Rmerge_I_obs           ? 
_reflns_shell.pdbx_Rsym_value        0.476 
_reflns_shell.meanI_over_sigI_obs    5.4 
_reflns_shell.pdbx_redundancy        7.7 
_reflns_shell.percent_possible_obs   ? 
_reflns_shell.number_unique_all      648 
_reflns_shell.number_measured_all    ? 
_reflns_shell.number_measured_obs    ? 
_reflns_shell.number_unique_obs      ? 
_reflns_shell.pdbx_chi_squared       ? 
_reflns_shell.pdbx_ordinal           1 
_reflns_shell.pdbx_diffrn_id         1 
# 
_refine.entry_id                                 3JXR 
_refine.ls_number_reflns_obs                     12702 
_refine.ls_number_reflns_all                     ? 
_refine.pdbx_ls_sigma_I                          ? 
_refine.pdbx_ls_sigma_F                          ? 
_refine.pdbx_data_cutoff_high_absF               ? 
_refine.pdbx_data_cutoff_low_absF                ? 
_refine.pdbx_data_cutoff_high_rms_absF           ? 
_refine.ls_d_res_low                             20.00 
_refine.ls_d_res_high                            1.25 
_refine.ls_percent_reflns_obs                    100.00 
_refine.ls_R_factor_obs                          0.21992 
_refine.ls_R_factor_all                          0.21992 
_refine.ls_R_factor_R_work                       0.21892 
_refine.ls_R_factor_R_free                       0.27649 
_refine.ls_R_factor_R_free_error                 ? 
_refine.ls_R_factor_R_free_error_details         ? 
_refine.ls_percent_reflns_R_free                 2.0 
_refine.ls_number_reflns_R_free                  253 
_refine.ls_number_parameters                     ? 
_refine.ls_number_restraints                     ? 
_refine.occupancy_min                            ? 
_refine.occupancy_max                            ? 
_refine.correlation_coeff_Fo_to_Fc               0.958 
_refine.correlation_coeff_Fo_to_Fc_free          0.936 
_refine.B_iso_mean                               21.270 
_refine.aniso_B[1][1]                            0.17 
_refine.aniso_B[2][2]                            0.17 
_refine.aniso_B[3][3]                            -0.26 
_refine.aniso_B[1][2]                            0.09 
_refine.aniso_B[1][3]                            0.00 
_refine.aniso_B[2][3]                            0.00 
_refine.solvent_model_details                    'BABINET MODEL WITH MASK' 
_refine.solvent_model_param_ksol                 ? 
_refine.solvent_model_param_bsol                 ? 
_refine.pdbx_solvent_vdw_probe_radii             1.20 
_refine.pdbx_solvent_ion_probe_radii             0.80 
_refine.pdbx_solvent_shrinkage_radii             0.80 
_refine.pdbx_ls_cross_valid_method               THROUGHOUT 
_refine.details                                  'HYDROGENS HAVE BEEN ADDED IN THE RIDING POSITIONS' 
_refine.pdbx_starting_model                      ? 
_refine.pdbx_method_to_determine_struct          'MOLECULAR REPLACEMENT' 
_refine.pdbx_isotropic_thermal_model             ? 
_refine.pdbx_stereochemistry_target_values       'MAXIMUM LIKELIHOOD' 
_refine.pdbx_stereochem_target_val_spec_case     ? 
_refine.pdbx_R_Free_selection_details            RANDOM 
_refine.pdbx_overall_ESU_R                       0.062 
_refine.pdbx_overall_ESU_R_Free                  0.065 
_refine.overall_SU_ML                            0.045 
_refine.overall_SU_B                             2.411 
_refine.ls_redundancy_reflns_obs                 ? 
_refine.B_iso_min                                ? 
_refine.B_iso_max                                ? 
_refine.overall_SU_R_Cruickshank_DPI             ? 
_refine.overall_SU_R_free                        ? 
_refine.ls_wR_factor_R_free                      ? 
_refine.ls_wR_factor_R_work                      ? 
_refine.overall_FOM_free_R_set                   ? 
_refine.overall_FOM_work_R_set                   ? 
_refine.pdbx_overall_phase_error                 ? 
_refine.pdbx_refine_id                           'X-RAY DIFFRACTION' 
_refine.pdbx_diffrn_id                           1 
_refine.pdbx_TLS_residual_ADP_flag               ? 
_refine.pdbx_overall_SU_R_free_Cruickshank_DPI   ? 
_refine.pdbx_overall_SU_R_Blow_DPI               ? 
_refine.pdbx_overall_SU_R_free_Blow_DPI          ? 
# 
_refine_analyze.entry_id                        3JXR 
_refine_analyze.Luzzati_coordinate_error_obs    ? 
_refine_analyze.Luzzati_sigma_a_obs             0.062 
_refine_analyze.Luzzati_d_res_low_obs           ? 
_refine_analyze.Luzzati_coordinate_error_free   0.065 
_refine_analyze.Luzzati_sigma_a_free            ? 
_refine_analyze.Luzzati_d_res_low_free          ? 
_refine_analyze.number_disordered_residues      ? 
_refine_analyze.occupancy_sum_hydrogen          ? 
_refine_analyze.occupancy_sum_non_hydrogen      ? 
_refine_analyze.pdbx_Luzzati_d_res_high_obs     ? 
_refine_analyze.pdbx_refine_id                  'X-RAY DIFFRACTION' 
# 
_refine_hist.pdbx_refine_id                   'X-RAY DIFFRACTION' 
_refine_hist.cycle_id                         LAST 
_refine_hist.pdbx_number_atoms_protein        0 
_refine_hist.pdbx_number_atoms_nucleic_acid   381 
_refine_hist.pdbx_number_atoms_ligand         0 
_refine_hist.number_atoms_solvent             60 
_refine_hist.number_atoms_total               441 
_refine_hist.d_res_high                       1.25 
_refine_hist.d_res_low                        20.00 
# 
loop_
_refine_ls_restr.type 
_refine_ls_restr.dev_ideal 
_refine_ls_restr.dev_ideal_target 
_refine_ls_restr.weight 
_refine_ls_restr.number 
_refine_ls_restr.pdbx_refine_id 
_refine_ls_restr.pdbx_restraint_function 
r_bond_refined_d         0.018 0.021 ? 423 'X-RAY DIFFRACTION' ? 
r_bond_other_d           0.002 0.020 ? 147 'X-RAY DIFFRACTION' ? 
r_angle_refined_deg      2.359 3.000 ? 651 'X-RAY DIFFRACTION' ? 
r_angle_other_deg        1.434 3.000 ? 381 'X-RAY DIFFRACTION' ? 
r_chiral_restr           0.101 0.200 ? 87  'X-RAY DIFFRACTION' ? 
r_gen_planes_refined     0.021 0.020 ? 189 'X-RAY DIFFRACTION' ? 
r_gen_planes_other       0.015 0.020 ? 36  'X-RAY DIFFRACTION' ? 
r_nbd_refined            0.100 0.200 ? 39  'X-RAY DIFFRACTION' ? 
r_nbd_other              0.278 0.200 ? 193 'X-RAY DIFFRACTION' ? 
r_nbtor_refined          0.251 0.200 ? 160 'X-RAY DIFFRACTION' ? 
r_nbtor_other            0.069 0.200 ? 104 'X-RAY DIFFRACTION' ? 
r_xyhbond_nbd_refined    0.206 0.200 ? 26  'X-RAY DIFFRACTION' ? 
r_symmetry_vdw_refined   0.148 0.200 ? 16  'X-RAY DIFFRACTION' ? 
r_symmetry_vdw_other     0.324 0.200 ? 30  'X-RAY DIFFRACTION' ? 
r_symmetry_hbond_refined 0.588 0.200 ? 13  'X-RAY DIFFRACTION' ? 
r_scbond_it              2.440 3.000 ? 624 'X-RAY DIFFRACTION' ? 
r_scangle_it             3.119 5.000 ? 651 'X-RAY DIFFRACTION' ? 
r_rigid_bond_restr       1.911 3.000 ? 908 'X-RAY DIFFRACTION' ? 
r_sphericity_free        3.768 3.000 ? 63  'X-RAY DIFFRACTION' ? 
r_sphericity_bonded      3.308 3.000 ? 525 'X-RAY DIFFRACTION' ? 
# 
_refine_ls_shell.pdbx_total_number_of_bins_used   20 
_refine_ls_shell.d_res_high                       1.25 
_refine_ls_shell.d_res_low                        1.284 
_refine_ls_shell.number_reflns_R_work             851 
_refine_ls_shell.R_factor_R_work                  0.272 
_refine_ls_shell.percent_reflns_obs               100.00 
_refine_ls_shell.R_factor_R_free                  0.416 
_refine_ls_shell.R_factor_R_free_error            ? 
_refine_ls_shell.percent_reflns_R_free            ? 
_refine_ls_shell.number_reflns_R_free             16 
_refine_ls_shell.number_reflns_all                ? 
_refine_ls_shell.R_factor_all                     ? 
_refine_ls_shell.number_reflns_obs                851 
_refine_ls_shell.redundancy_reflns_obs            ? 
_refine_ls_shell.pdbx_refine_id                   'X-RAY DIFFRACTION' 
# 
_struct.entry_id                  3JXR 
_struct.title                     'X-Ray structure of r[CGCG(5-fluoro)CG]2' 
_struct.pdbx_model_details        ? 
_struct.pdbx_CASP_flag            ? 
_struct.pdbx_model_type_details   ? 
# 
_struct_keywords.entry_id        3JXR 
_struct_keywords.pdbx_keywords   RNA 
_struct_keywords.text            'RNA, double helix' 
# 
loop_
_struct_asym.id 
_struct_asym.pdbx_blank_PDB_chainid_flag 
_struct_asym.pdbx_modified 
_struct_asym.entity_id 
_struct_asym.details 
A N N 1 ? 
B N N 1 ? 
C N N 1 ? 
D N N 2 ? 
E N N 2 ? 
F N N 2 ? 
# 
_struct_ref.id                         1 
_struct_ref.db_name                    PDB 
_struct_ref.db_code                    3JXR 
_struct_ref.pdbx_db_accession          3JXR 
_struct_ref.entity_id                  1 
_struct_ref.pdbx_align_begin           ? 
_struct_ref.pdbx_seq_one_letter_code   CGCGXG 
_struct_ref.pdbx_db_isoform            ? 
# 
loop_
_struct_ref_seq.align_id 
_struct_ref_seq.ref_id 
_struct_ref_seq.pdbx_PDB_id_code 
_struct_ref_seq.pdbx_strand_id 
_struct_ref_seq.seq_align_beg 
_struct_ref_seq.pdbx_seq_align_beg_ins_code 
_struct_ref_seq.seq_align_end 
_struct_ref_seq.pdbx_seq_align_end_ins_code 
_struct_ref_seq.pdbx_db_accession 
_struct_ref_seq.db_align_beg 
_struct_ref_seq.pdbx_db_align_beg_ins_code 
_struct_ref_seq.db_align_end 
_struct_ref_seq.pdbx_db_align_end_ins_code 
_struct_ref_seq.pdbx_auth_seq_align_beg 
_struct_ref_seq.pdbx_auth_seq_align_end 
1 1 3JXR A 1 ? 6 ? 3JXR 1 ? 6 ? 1 6 
2 1 3JXR B 1 ? 6 ? 3JXR 1 ? 6 ? 1 6 
3 1 3JXR K 1 ? 6 ? 3JXR 1 ? 6 ? 1 6 
# 
loop_
_pdbx_struct_assembly.id 
_pdbx_struct_assembly.details 
_pdbx_struct_assembly.method_details 
_pdbx_struct_assembly.oligomeric_details 
_pdbx_struct_assembly.oligomeric_count 
1 author_defined_assembly ? dimeric 2 
2 author_defined_assembly ? dimeric 2 
# 
loop_
_pdbx_struct_assembly_prop.biol_id 
_pdbx_struct_assembly_prop.type 
_pdbx_struct_assembly_prop.value 
_pdbx_struct_assembly_prop.details 
1 'ABSA (A^2)' 660  ? 
1 MORE         -0   ? 
1 'SSA (A^2)'  2410 ? 
2 'ABSA (A^2)' 670  ? 
2 MORE         -1   ? 
2 'SSA (A^2)'  2410 ? 
# 
loop_
_pdbx_struct_assembly_gen.assembly_id 
_pdbx_struct_assembly_gen.oper_expression 
_pdbx_struct_assembly_gen.asym_id_list 
1 1   A,B,D,E 
2 1,2 C,F     
# 
loop_
_pdbx_struct_oper_list.id 
_pdbx_struct_oper_list.type 
_pdbx_struct_oper_list.name 
_pdbx_struct_oper_list.symmetry_operation 
_pdbx_struct_oper_list.matrix[1][1] 
_pdbx_struct_oper_list.matrix[1][2] 
_pdbx_struct_oper_list.matrix[1][3] 
_pdbx_struct_oper_list.vector[1] 
_pdbx_struct_oper_list.matrix[2][1] 
_pdbx_struct_oper_list.matrix[2][2] 
_pdbx_struct_oper_list.matrix[2][3] 
_pdbx_struct_oper_list.vector[2] 
_pdbx_struct_oper_list.matrix[3][1] 
_pdbx_struct_oper_list.matrix[3][2] 
_pdbx_struct_oper_list.matrix[3][3] 
_pdbx_struct_oper_list.vector[3] 
1 'identity operation'         1_555  x,y,z                  1.0000000000  0.0000000000 0.0000000000  0.0000000000  0.0000000000 1.0000000000  0.0000000000  0.0000000000   0.0000000000  0.0000000000  1.0000000000 0.0000000000  
2 'crystal symmetry operation' 12_555 -x+2/3,-x+y+1/3,-z+1/3 -0.1481937677 0.0182195768 -0.9887905007 -5.7508052033 0.0182195768 -0.9996102952 -0.0211495805 -21.6680371185 -0.9887905007 -0.0211495805 0.1478040629 -5.3533626951 
# 
_struct_biol.id        1 
_struct_biol.details   ? 
# 
loop_
_struct_conn.id 
_struct_conn.conn_type_id 
_struct_conn.pdbx_leaving_atom_flag 
_struct_conn.pdbx_PDB_id 
_struct_conn.ptnr1_label_asym_id 
_struct_conn.ptnr1_label_comp_id 
_struct_conn.ptnr1_label_seq_id 
_struct_conn.ptnr1_label_atom_id 
_struct_conn.pdbx_ptnr1_label_alt_id 
_struct_conn.pdbx_ptnr1_PDB_ins_code 
_struct_conn.pdbx_ptnr1_standard_comp_id 
_struct_conn.ptnr1_symmetry 
_struct_conn.ptnr2_label_asym_id 
_struct_conn.ptnr2_label_comp_id 
_struct_conn.ptnr2_label_seq_id 
_struct_conn.ptnr2_label_atom_id 
_struct_conn.pdbx_ptnr2_label_alt_id 
_struct_conn.pdbx_ptnr2_PDB_ins_code 
_struct_conn.ptnr1_auth_asym_id 
_struct_conn.ptnr1_auth_comp_id 
_struct_conn.ptnr1_auth_seq_id 
_struct_conn.ptnr2_auth_asym_id 
_struct_conn.ptnr2_auth_comp_id 
_struct_conn.ptnr2_auth_seq_id 
_struct_conn.ptnr2_symmetry 
_struct_conn.pdbx_ptnr3_label_atom_id 
_struct_conn.pdbx_ptnr3_label_seq_id 
_struct_conn.pdbx_ptnr3_label_comp_id 
_struct_conn.pdbx_ptnr3_label_asym_id 
_struct_conn.pdbx_ptnr3_label_alt_id 
_struct_conn.pdbx_ptnr3_PDB_ins_code 
_struct_conn.details 
_struct_conn.pdbx_dist_value 
_struct_conn.pdbx_value_order 
_struct_conn.pdbx_role 
covale1  covale both ? A G   4 "O3'" ? ? ? 1_555 A 5CF 5 P  ? ? A G   4 A 5CF 5 1_555  ? ? ? ? ? ? ?            1.592 ? ? 
covale2  covale one  ? A 5CF 5 "O3'" ? ? ? 1_555 A G   6 P  ? ? A 5CF 5 A G   6 1_555  ? ? ? ? ? ? ?            1.554 ? ? 
covale3  covale both ? B G   4 "O3'" ? ? ? 1_555 B 5CF 5 P  ? ? B G   4 B 5CF 5 1_555  ? ? ? ? ? ? ?            1.591 ? ? 
covale4  covale one  ? B 5CF 5 "O3'" ? ? ? 1_555 B G   6 P  ? ? B 5CF 5 B G   6 1_555  ? ? ? ? ? ? ?            1.603 ? ? 
covale5  covale both ? C G   4 "O3'" ? ? ? 1_555 C 5CF 5 P  ? ? K G   4 K 5CF 5 1_555  ? ? ? ? ? ? ?            1.635 ? ? 
covale6  covale one  ? C 5CF 5 "O3'" ? ? ? 1_555 C G   6 P  ? ? K 5CF 5 K G   6 1_555  ? ? ? ? ? ? ?            1.595 ? ? 
hydrog1  hydrog ?    ? A C   1 N3    ? ? ? 1_555 B G   6 N1 ? ? A C   1 B G   6 1_555  ? ? ? ? ? ? WATSON-CRICK ?     ? ? 
hydrog2  hydrog ?    ? A C   1 N4    ? ? ? 1_555 B G   6 O6 ? ? A C   1 B G   6 1_555  ? ? ? ? ? ? WATSON-CRICK ?     ? ? 
hydrog3  hydrog ?    ? A C   1 O2    ? ? ? 1_555 B G   6 N2 ? ? A C   1 B G   6 1_555  ? ? ? ? ? ? WATSON-CRICK ?     ? ? 
hydrog4  hydrog ?    ? A C   3 N3    ? ? ? 1_555 B G   4 N1 ? ? A C   3 B G   4 1_555  ? ? ? ? ? ? WATSON-CRICK ?     ? ? 
hydrog5  hydrog ?    ? A C   3 N4    ? ? ? 1_555 B G   4 O6 ? ? A C   3 B G   4 1_555  ? ? ? ? ? ? WATSON-CRICK ?     ? ? 
hydrog6  hydrog ?    ? A C   3 O2    ? ? ? 1_555 B G   4 N2 ? ? A C   3 B G   4 1_555  ? ? ? ? ? ? WATSON-CRICK ?     ? ? 
hydrog7  hydrog ?    ? A G   4 N1    ? ? ? 1_555 B C   3 N3 ? ? A G   4 B C   3 1_555  ? ? ? ? ? ? WATSON-CRICK ?     ? ? 
hydrog8  hydrog ?    ? A G   4 N2    ? ? ? 1_555 B C   3 O2 ? ? A G   4 B C   3 1_555  ? ? ? ? ? ? WATSON-CRICK ?     ? ? 
hydrog9  hydrog ?    ? A G   4 O6    ? ? ? 1_555 B C   3 N4 ? ? A G   4 B C   3 1_555  ? ? ? ? ? ? WATSON-CRICK ?     ? ? 
hydrog10 hydrog ?    ? A G   6 N1    ? ? ? 1_555 B C   1 N3 ? ? A G   6 B C   1 1_555  ? ? ? ? ? ? WATSON-CRICK ?     ? ? 
hydrog11 hydrog ?    ? A G   6 N2    ? ? ? 1_555 B C   1 O2 ? ? A G   6 B C   1 1_555  ? ? ? ? ? ? WATSON-CRICK ?     ? ? 
hydrog12 hydrog ?    ? A G   6 O6    ? ? ? 1_555 B C   1 N4 ? ? A G   6 B C   1 1_555  ? ? ? ? ? ? WATSON-CRICK ?     ? ? 
hydrog13 hydrog ?    ? C C   1 N3    ? ? ? 1_555 C G   6 N1 ? ? K C   1 K G   6 12_555 ? ? ? ? ? ? WATSON-CRICK ?     ? ? 
hydrog14 hydrog ?    ? C C   1 N4    ? ? ? 1_555 C G   6 O6 ? ? K C   1 K G   6 12_555 ? ? ? ? ? ? WATSON-CRICK ?     ? ? 
hydrog15 hydrog ?    ? C C   1 O2    ? ? ? 1_555 C G   6 N2 ? ? K C   1 K G   6 12_555 ? ? ? ? ? ? WATSON-CRICK ?     ? ? 
hydrog16 hydrog ?    ? C C   3 N3    ? ? ? 1_555 C G   4 N1 ? ? K C   3 K G   4 12_555 ? ? ? ? ? ? WATSON-CRICK ?     ? ? 
hydrog17 hydrog ?    ? C C   3 N4    ? ? ? 1_555 C G   4 O6 ? ? K C   3 K G   4 12_555 ? ? ? ? ? ? WATSON-CRICK ?     ? ? 
hydrog18 hydrog ?    ? C C   3 O2    ? ? ? 1_555 C G   4 N2 ? ? K C   3 K G   4 12_555 ? ? ? ? ? ? WATSON-CRICK ?     ? ? 
hydrog19 hydrog ?    ? C G   4 N1    ? ? ? 1_555 C C   3 N3 ? ? K G   4 K C   3 12_555 ? ? ? ? ? ? WATSON-CRICK ?     ? ? 
hydrog20 hydrog ?    ? C G   4 N2    ? ? ? 1_555 C C   3 O2 ? ? K G   4 K C   3 12_555 ? ? ? ? ? ? WATSON-CRICK ?     ? ? 
hydrog21 hydrog ?    ? C G   4 O6    ? ? ? 1_555 C C   3 N4 ? ? K G   4 K C   3 12_555 ? ? ? ? ? ? WATSON-CRICK ?     ? ? 
hydrog22 hydrog ?    ? C G   6 N1    ? ? ? 1_555 C C   1 N3 ? ? K G   6 K C   1 12_555 ? ? ? ? ? ? WATSON-CRICK ?     ? ? 
hydrog23 hydrog ?    ? C G   6 N2    ? ? ? 1_555 C C   1 O2 ? ? K G   6 K C   1 12_555 ? ? ? ? ? ? WATSON-CRICK ?     ? ? 
hydrog24 hydrog ?    ? C G   6 O6    ? ? ? 1_555 C C   1 N4 ? ? K G   6 K C   1 12_555 ? ? ? ? ? ? WATSON-CRICK ?     ? ? 
# 
loop_
_struct_conn_type.id 
_struct_conn_type.criteria 
_struct_conn_type.reference 
covale ? ? 
hydrog ? ? 
# 
loop_
_pdbx_validate_symm_contact.id 
_pdbx_validate_symm_contact.PDB_model_num 
_pdbx_validate_symm_contact.auth_atom_id_1 
_pdbx_validate_symm_contact.auth_asym_id_1 
_pdbx_validate_symm_contact.auth_comp_id_1 
_pdbx_validate_symm_contact.auth_seq_id_1 
_pdbx_validate_symm_contact.PDB_ins_code_1 
_pdbx_validate_symm_contact.label_alt_id_1 
_pdbx_validate_symm_contact.site_symmetry_1 
_pdbx_validate_symm_contact.auth_atom_id_2 
_pdbx_validate_symm_contact.auth_asym_id_2 
_pdbx_validate_symm_contact.auth_comp_id_2 
_pdbx_validate_symm_contact.auth_seq_id_2 
_pdbx_validate_symm_contact.PDB_ins_code_2 
_pdbx_validate_symm_contact.label_alt_id_2 
_pdbx_validate_symm_contact.site_symmetry_2 
_pdbx_validate_symm_contact.dist 
1 1 O A HOH 58 ? ? 1_555 O A HOH 58 ? ? 5_555  1.29 
2 1 O B HOH 47 ? ? 1_555 O B HOH 47 ? ? 3_555  1.87 
3 1 O K HOH 49 ? ? 1_555 O K HOH 49 ? ? 12_555 2.09 
# 
loop_
_pdbx_validate_rmsd_bond.id 
_pdbx_validate_rmsd_bond.PDB_model_num 
_pdbx_validate_rmsd_bond.auth_atom_id_1 
_pdbx_validate_rmsd_bond.auth_asym_id_1 
_pdbx_validate_rmsd_bond.auth_comp_id_1 
_pdbx_validate_rmsd_bond.auth_seq_id_1 
_pdbx_validate_rmsd_bond.PDB_ins_code_1 
_pdbx_validate_rmsd_bond.label_alt_id_1 
_pdbx_validate_rmsd_bond.auth_atom_id_2 
_pdbx_validate_rmsd_bond.auth_asym_id_2 
_pdbx_validate_rmsd_bond.auth_comp_id_2 
_pdbx_validate_rmsd_bond.auth_seq_id_2 
_pdbx_validate_rmsd_bond.PDB_ins_code_2 
_pdbx_validate_rmsd_bond.label_alt_id_2 
_pdbx_validate_rmsd_bond.bond_value 
_pdbx_validate_rmsd_bond.bond_target_value 
_pdbx_validate_rmsd_bond.bond_deviation 
_pdbx_validate_rmsd_bond.bond_standard_deviation 
_pdbx_validate_rmsd_bond.linker_flag 
1 1 "O5'" B C 1 ? ? "C5'" B C 1 ? ? 1.359 1.420 -0.061 0.009 N 
2 1 C4    B C 3 ? ? N4    B C 3 ? ? 1.281 1.335 -0.054 0.009 N 
# 
loop_
_pdbx_validate_rmsd_angle.id 
_pdbx_validate_rmsd_angle.PDB_model_num 
_pdbx_validate_rmsd_angle.auth_atom_id_1 
_pdbx_validate_rmsd_angle.auth_asym_id_1 
_pdbx_validate_rmsd_angle.auth_comp_id_1 
_pdbx_validate_rmsd_angle.auth_seq_id_1 
_pdbx_validate_rmsd_angle.PDB_ins_code_1 
_pdbx_validate_rmsd_angle.label_alt_id_1 
_pdbx_validate_rmsd_angle.auth_atom_id_2 
_pdbx_validate_rmsd_angle.auth_asym_id_2 
_pdbx_validate_rmsd_angle.auth_comp_id_2 
_pdbx_validate_rmsd_angle.auth_seq_id_2 
_pdbx_validate_rmsd_angle.PDB_ins_code_2 
_pdbx_validate_rmsd_angle.label_alt_id_2 
_pdbx_validate_rmsd_angle.auth_atom_id_3 
_pdbx_validate_rmsd_angle.auth_asym_id_3 
_pdbx_validate_rmsd_angle.auth_comp_id_3 
_pdbx_validate_rmsd_angle.auth_seq_id_3 
_pdbx_validate_rmsd_angle.PDB_ins_code_3 
_pdbx_validate_rmsd_angle.label_alt_id_3 
_pdbx_validate_rmsd_angle.angle_value 
_pdbx_validate_rmsd_angle.angle_target_value 
_pdbx_validate_rmsd_angle.angle_deviation 
_pdbx_validate_rmsd_angle.angle_standard_deviation 
_pdbx_validate_rmsd_angle.linker_flag 
1  1 "C3'" A C 1 ? ? "C2'" A C   1 ? ? "C1'" A C   1 ? ? 96.00  101.30 -5.30 0.70 N 
2  1 "O3'" A G 2 ? ? P     A C   3 ? ? OP2   A C   3 ? ? 118.79 110.50 8.29  1.10 Y 
3  1 "O5'" A C 3 ? ? P     A C   3 ? ? OP2   A C   3 ? ? 98.10  105.70 -7.60 0.90 N 
4  1 "C4'" A C 3 ? ? "C3'" A C   3 ? ? "C2'" A C   3 ? ? 93.69  102.60 -8.91 1.00 N 
5  1 "C1'" A G 4 ? ? "O4'" A G   4 ? ? "C4'" A G   4 ? ? 105.25 109.70 -4.45 0.70 N 
6  1 "O3'" B G 4 ? ? P     B 5CF 5 ? ? OP2   B 5CF 5 ? ? 117.83 110.50 7.33  1.10 Y 
7  1 C6    B G 6 ? ? C5    B G   6 ? ? N7    B G   6 ? ? 126.67 130.40 -3.73 0.60 N 
8  1 C5    K G 2 ? ? C6    K G   2 ? ? O6    K G   2 ? ? 124.98 128.60 -3.62 0.60 N 
9  1 "O5'" K C 3 ? ? "C5'" K C   3 ? ? "C4'" K C   3 ? ? 103.89 109.40 -5.51 0.80 N 
10 1 "O4'" K C 3 ? ? "C1'" K C   3 ? ? N1    K C   3 ? ? 113.68 108.50 5.18  0.70 N 
# 
loop_
_pdbx_struct_special_symmetry.id 
_pdbx_struct_special_symmetry.PDB_model_num 
_pdbx_struct_special_symmetry.auth_asym_id 
_pdbx_struct_special_symmetry.auth_comp_id 
_pdbx_struct_special_symmetry.auth_seq_id 
_pdbx_struct_special_symmetry.PDB_ins_code 
_pdbx_struct_special_symmetry.label_asym_id 
_pdbx_struct_special_symmetry.label_comp_id 
_pdbx_struct_special_symmetry.label_seq_id 
1 1 A HOH 33 ? D HOH . 
2 1 A HOH 34 ? D HOH . 
3 1 A HOH 35 ? D HOH . 
4 1 A HOH 42 ? D HOH . 
5 1 B HOH 25 ? E HOH . 
6 1 B HOH 36 ? E HOH . 
7 1 B HOH 51 ? E HOH . 
8 1 K HOH 30 ? F HOH . 
9 1 K HOH 38 ? F HOH . 
# 
_pdbx_refine_tls.pdbx_refine_id   'X-RAY DIFFRACTION' 
_pdbx_refine_tls.id               1 
_pdbx_refine_tls.details          ? 
_pdbx_refine_tls.method           refined 
_pdbx_refine_tls.origin_x         -0.0175 
_pdbx_refine_tls.origin_y         -0.2342 
_pdbx_refine_tls.origin_z         0.0803 
_pdbx_refine_tls.T[1][1]          0.0174 
_pdbx_refine_tls.T[2][2]          -0.0012 
_pdbx_refine_tls.T[3][3]          0.0105 
_pdbx_refine_tls.T[1][2]          -0.0052 
_pdbx_refine_tls.T[1][3]          0.0001 
_pdbx_refine_tls.T[2][3]          -0.0014 
_pdbx_refine_tls.L[1][1]          0.4472 
_pdbx_refine_tls.L[2][2]          0.8020 
_pdbx_refine_tls.L[3][3]          0.5208 
_pdbx_refine_tls.L[1][2]          0.3016 
_pdbx_refine_tls.L[1][3]          -0.0154 
_pdbx_refine_tls.L[2][3]          0.1338 
_pdbx_refine_tls.S[1][1]          0.0614 
_pdbx_refine_tls.S[2][2]          -0.1028 
_pdbx_refine_tls.S[3][3]          0.0414 
_pdbx_refine_tls.S[1][2]          0.0090 
_pdbx_refine_tls.S[1][3]          -0.0666 
_pdbx_refine_tls.S[2][3]          -0.0101 
_pdbx_refine_tls.S[2][1]          0.0473 
_pdbx_refine_tls.S[3][1]          0.1189 
_pdbx_refine_tls.S[3][2]          0.0039 
# 
loop_
_pdbx_refine_tls_group.pdbx_refine_id 
_pdbx_refine_tls_group.id 
_pdbx_refine_tls_group.refine_tls_id 
_pdbx_refine_tls_group.beg_auth_asym_id 
_pdbx_refine_tls_group.beg_auth_seq_id 
_pdbx_refine_tls_group.end_auth_asym_id 
_pdbx_refine_tls_group.end_auth_seq_id 
_pdbx_refine_tls_group.selection_details 
_pdbx_refine_tls_group.beg_label_asym_id 
_pdbx_refine_tls_group.beg_label_seq_id 
_pdbx_refine_tls_group.end_label_asym_id 
_pdbx_refine_tls_group.end_label_seq_id 
_pdbx_refine_tls_group.selection 
'X-RAY DIFFRACTION' 1 1 B 7  B 60 ? . . . . ? 
'X-RAY DIFFRACTION' 2 1 K 30 K 53 ? . . . . ? 
'X-RAY DIFFRACTION' 3 1 A 7  A 59 ? . . . . ? 
'X-RAY DIFFRACTION' 4 1 B 1  B 6  ? . . . . ? 
'X-RAY DIFFRACTION' 5 1 K 1  K 6  ? . . . . ? 
'X-RAY DIFFRACTION' 6 1 A 1  A 6  ? . . . . ? 
# 
loop_
_chem_comp_atom.comp_id 
_chem_comp_atom.atom_id 
_chem_comp_atom.type_symbol 
_chem_comp_atom.pdbx_aromatic_flag 
_chem_comp_atom.pdbx_stereo_config 
_chem_comp_atom.pdbx_ordinal 
5CF OP3    O N N 1   
5CF P      P N N 2   
5CF N1     N N N 3   
5CF C2     C N N 4   
5CF O2     O N N 5   
5CF N3     N N N 6   
5CF C4     C N N 7   
5CF N4     N N N 8   
5CF C5     C N N 9   
5CF F5     F N N 10  
5CF C6     C N N 11  
5CF "C1'"  C N R 12  
5CF "C2'"  C N R 13  
5CF "O2'"  O N N 14  
5CF "C3'"  C N S 15  
5CF "O3'"  O N N 16  
5CF "C4'"  C N R 17  
5CF "O4'"  O N N 18  
5CF "C5'"  C N N 19  
5CF "O5'"  O N N 20  
5CF OP1    O N N 21  
5CF OP2    O N N 22  
5CF HOP3   H N N 23  
5CF HN4    H N N 24  
5CF HN4A   H N N 25  
5CF H6     H N N 26  
5CF "H1'"  H N N 27  
5CF "H2'"  H N N 28  
5CF "HO2'" H N N 29  
5CF "H3'"  H N N 30  
5CF "HO3'" H N N 31  
5CF "H4'"  H N N 32  
5CF "H5'"  H N N 33  
5CF "H5'A" H N N 34  
5CF HOP1   H N N 35  
C   OP3    O N N 36  
C   P      P N N 37  
C   OP1    O N N 38  
C   OP2    O N N 39  
C   "O5'"  O N N 40  
C   "C5'"  C N N 41  
C   "C4'"  C N R 42  
C   "O4'"  O N N 43  
C   "C3'"  C N S 44  
C   "O3'"  O N N 45  
C   "C2'"  C N R 46  
C   "O2'"  O N N 47  
C   "C1'"  C N R 48  
C   N1     N N N 49  
C   C2     C N N 50  
C   O2     O N N 51  
C   N3     N N N 52  
C   C4     C N N 53  
C   N4     N N N 54  
C   C5     C N N 55  
C   C6     C N N 56  
C   HOP3   H N N 57  
C   HOP2   H N N 58  
C   "H5'"  H N N 59  
C   "H5''" H N N 60  
C   "H4'"  H N N 61  
C   "H3'"  H N N 62  
C   "HO3'" H N N 63  
C   "H2'"  H N N 64  
C   "HO2'" H N N 65  
C   "H1'"  H N N 66  
C   H41    H N N 67  
C   H42    H N N 68  
C   H5     H N N 69  
C   H6     H N N 70  
G   OP3    O N N 71  
G   P      P N N 72  
G   OP1    O N N 73  
G   OP2    O N N 74  
G   "O5'"  O N N 75  
G   "C5'"  C N N 76  
G   "C4'"  C N R 77  
G   "O4'"  O N N 78  
G   "C3'"  C N S 79  
G   "O3'"  O N N 80  
G   "C2'"  C N R 81  
G   "O2'"  O N N 82  
G   "C1'"  C N R 83  
G   N9     N Y N 84  
G   C8     C Y N 85  
G   N7     N Y N 86  
G   C5     C Y N 87  
G   C6     C N N 88  
G   O6     O N N 89  
G   N1     N N N 90  
G   C2     C N N 91  
G   N2     N N N 92  
G   N3     N N N 93  
G   C4     C Y N 94  
G   HOP3   H N N 95  
G   HOP2   H N N 96  
G   "H5'"  H N N 97  
G   "H5''" H N N 98  
G   "H4'"  H N N 99  
G   "H3'"  H N N 100 
G   "HO3'" H N N 101 
G   "H2'"  H N N 102 
G   "HO2'" H N N 103 
G   "H1'"  H N N 104 
G   H8     H N N 105 
G   H1     H N N 106 
G   H21    H N N 107 
G   H22    H N N 108 
HOH O      O N N 109 
HOH H1     H N N 110 
HOH H2     H N N 111 
# 
loop_
_chem_comp_bond.comp_id 
_chem_comp_bond.atom_id_1 
_chem_comp_bond.atom_id_2 
_chem_comp_bond.value_order 
_chem_comp_bond.pdbx_aromatic_flag 
_chem_comp_bond.pdbx_stereo_config 
_chem_comp_bond.pdbx_ordinal 
5CF P     OP3    sing N N 1   
5CF OP3   HOP3   sing N N 2   
5CF OP2   P      doub N N 3   
5CF OP1   P      sing N N 4   
5CF P     "O5'"  sing N N 5   
5CF C6    N1     sing N N 6   
5CF "C1'" N1     sing N N 7   
5CF N1    C2     sing N N 8   
5CF C2    N3     sing N N 9   
5CF C2    O2     doub N N 10  
5CF C4    N3     doub N N 11  
5CF C5    C4     sing N N 12  
5CF C4    N4     sing N N 13  
5CF N4    HN4    sing N N 14  
5CF N4    HN4A   sing N N 15  
5CF F5    C5     sing N N 16  
5CF C6    C5     doub N N 17  
5CF C6    H6     sing N N 18  
5CF "C2'" "C1'"  sing N N 19  
5CF "O4'" "C1'"  sing N N 20  
5CF "C1'" "H1'"  sing N N 21  
5CF "C3'" "C2'"  sing N N 22  
5CF "C2'" "O2'"  sing N N 23  
5CF "C2'" "H2'"  sing N N 24  
5CF "O2'" "HO2'" sing N N 25  
5CF "O3'" "C3'"  sing N N 26  
5CF "C3'" "C4'"  sing N N 27  
5CF "C3'" "H3'"  sing N N 28  
5CF "O3'" "HO3'" sing N N 29  
5CF "C5'" "C4'"  sing N N 30  
5CF "C4'" "O4'"  sing N N 31  
5CF "C4'" "H4'"  sing N N 32  
5CF "O5'" "C5'"  sing N N 33  
5CF "C5'" "H5'"  sing N N 34  
5CF "C5'" "H5'A" sing N N 35  
5CF OP1   HOP1   sing N N 36  
C   OP3   P      sing N N 37  
C   OP3   HOP3   sing N N 38  
C   P     OP1    doub N N 39  
C   P     OP2    sing N N 40  
C   P     "O5'"  sing N N 41  
C   OP2   HOP2   sing N N 42  
C   "O5'" "C5'"  sing N N 43  
C   "C5'" "C4'"  sing N N 44  
C   "C5'" "H5'"  sing N N 45  
C   "C5'" "H5''" sing N N 46  
C   "C4'" "O4'"  sing N N 47  
C   "C4'" "C3'"  sing N N 48  
C   "C4'" "H4'"  sing N N 49  
C   "O4'" "C1'"  sing N N 50  
C   "C3'" "O3'"  sing N N 51  
C   "C3'" "C2'"  sing N N 52  
C   "C3'" "H3'"  sing N N 53  
C   "O3'" "HO3'" sing N N 54  
C   "C2'" "O2'"  sing N N 55  
C   "C2'" "C1'"  sing N N 56  
C   "C2'" "H2'"  sing N N 57  
C   "O2'" "HO2'" sing N N 58  
C   "C1'" N1     sing N N 59  
C   "C1'" "H1'"  sing N N 60  
C   N1    C2     sing N N 61  
C   N1    C6     sing N N 62  
C   C2    O2     doub N N 63  
C   C2    N3     sing N N 64  
C   N3    C4     doub N N 65  
C   C4    N4     sing N N 66  
C   C4    C5     sing N N 67  
C   N4    H41    sing N N 68  
C   N4    H42    sing N N 69  
C   C5    C6     doub N N 70  
C   C5    H5     sing N N 71  
C   C6    H6     sing N N 72  
G   OP3   P      sing N N 73  
G   OP3   HOP3   sing N N 74  
G   P     OP1    doub N N 75  
G   P     OP2    sing N N 76  
G   P     "O5'"  sing N N 77  
G   OP2   HOP2   sing N N 78  
G   "O5'" "C5'"  sing N N 79  
G   "C5'" "C4'"  sing N N 80  
G   "C5'" "H5'"  sing N N 81  
G   "C5'" "H5''" sing N N 82  
G   "C4'" "O4'"  sing N N 83  
G   "C4'" "C3'"  sing N N 84  
G   "C4'" "H4'"  sing N N 85  
G   "O4'" "C1'"  sing N N 86  
G   "C3'" "O3'"  sing N N 87  
G   "C3'" "C2'"  sing N N 88  
G   "C3'" "H3'"  sing N N 89  
G   "O3'" "HO3'" sing N N 90  
G   "C2'" "O2'"  sing N N 91  
G   "C2'" "C1'"  sing N N 92  
G   "C2'" "H2'"  sing N N 93  
G   "O2'" "HO2'" sing N N 94  
G   "C1'" N9     sing N N 95  
G   "C1'" "H1'"  sing N N 96  
G   N9    C8     sing Y N 97  
G   N9    C4     sing Y N 98  
G   C8    N7     doub Y N 99  
G   C8    H8     sing N N 100 
G   N7    C5     sing Y N 101 
G   C5    C6     sing N N 102 
G   C5    C4     doub Y N 103 
G   C6    O6     doub N N 104 
G   C6    N1     sing N N 105 
G   N1    C2     sing N N 106 
G   N1    H1     sing N N 107 
G   C2    N2     sing N N 108 
G   C2    N3     doub N N 109 
G   N2    H21    sing N N 110 
G   N2    H22    sing N N 111 
G   N3    C4     sing N N 112 
HOH O     H1     sing N N 113 
HOH O     H2     sing N N 114 
# 
_ndb_struct_conf_na.entry_id   3JXR 
_ndb_struct_conf_na.feature    'double helix' 
# 
loop_
_ndb_struct_na_base_pair.model_number 
_ndb_struct_na_base_pair.i_label_asym_id 
_ndb_struct_na_base_pair.i_label_comp_id 
_ndb_struct_na_base_pair.i_label_seq_id 
_ndb_struct_na_base_pair.i_symmetry 
_ndb_struct_na_base_pair.j_label_asym_id 
_ndb_struct_na_base_pair.j_label_comp_id 
_ndb_struct_na_base_pair.j_label_seq_id 
_ndb_struct_na_base_pair.j_symmetry 
_ndb_struct_na_base_pair.shear 
_ndb_struct_na_base_pair.stretch 
_ndb_struct_na_base_pair.stagger 
_ndb_struct_na_base_pair.buckle 
_ndb_struct_na_base_pair.propeller 
_ndb_struct_na_base_pair.opening 
_ndb_struct_na_base_pair.pair_number 
_ndb_struct_na_base_pair.pair_name 
_ndb_struct_na_base_pair.i_auth_asym_id 
_ndb_struct_na_base_pair.i_auth_seq_id 
_ndb_struct_na_base_pair.i_PDB_ins_code 
_ndb_struct_na_base_pair.j_auth_asym_id 
_ndb_struct_na_base_pair.j_auth_seq_id 
_ndb_struct_na_base_pair.j_PDB_ins_code 
_ndb_struct_na_base_pair.hbond_type_28 
_ndb_struct_na_base_pair.hbond_type_12 
1 A C 1 1_555 B G 6 1_555  0.010  -0.214 0.013  9.077  -18.238 1.805  1 A_C1:G6_B A 1 ? B 6 ? 19 1 
1 A C 3 1_555 B G 4 1_555  0.179  -0.187 0.089  3.734  -17.950 -1.680 2 A_C3:G4_B A 3 ? B 4 ? 19 1 
1 A G 4 1_555 B C 3 1_555  -0.084 -0.141 0.014  -3.901 -13.511 -1.664 3 A_G4:C3_B A 4 ? B 3 ? 19 1 
1 A G 6 1_555 B C 1 1_555  -0.095 -0.129 0.018  -9.730 -13.999 -2.090 4 A_G6:C1_B A 6 ? B 1 ? 19 1 
1 C C 1 1_555 C G 6 12_555 0.033  -0.131 0.053  7.156  -11.250 2.333  5 K_C1:G6_K K 1 ? K 6 ? 19 1 
1 C C 3 1_555 C G 4 12_555 0.697  -0.272 -0.137 2.919  -14.253 -1.632 6 K_C3:G4_K K 3 ? K 4 ? 19 1 
1 C G 4 1_555 C C 3 12_555 -0.697 -0.272 -0.137 -2.919 -14.253 -1.632 7 K_G4:C3_K K 4 ? K 3 ? 19 1 
1 C G 6 1_555 C C 1 12_555 -0.033 -0.131 0.053  -7.157 -11.250 2.333  8 K_G6:C1_K K 6 ? K 1 ? 19 1 
# 
loop_
_ndb_struct_na_base_pair_step.model_number 
_ndb_struct_na_base_pair_step.i_label_asym_id_1 
_ndb_struct_na_base_pair_step.i_label_comp_id_1 
_ndb_struct_na_base_pair_step.i_label_seq_id_1 
_ndb_struct_na_base_pair_step.i_symmetry_1 
_ndb_struct_na_base_pair_step.j_label_asym_id_1 
_ndb_struct_na_base_pair_step.j_label_comp_id_1 
_ndb_struct_na_base_pair_step.j_label_seq_id_1 
_ndb_struct_na_base_pair_step.j_symmetry_1 
_ndb_struct_na_base_pair_step.i_label_asym_id_2 
_ndb_struct_na_base_pair_step.i_label_comp_id_2 
_ndb_struct_na_base_pair_step.i_label_seq_id_2 
_ndb_struct_na_base_pair_step.i_symmetry_2 
_ndb_struct_na_base_pair_step.j_label_asym_id_2 
_ndb_struct_na_base_pair_step.j_label_comp_id_2 
_ndb_struct_na_base_pair_step.j_label_seq_id_2 
_ndb_struct_na_base_pair_step.j_symmetry_2 
_ndb_struct_na_base_pair_step.shift 
_ndb_struct_na_base_pair_step.slide 
_ndb_struct_na_base_pair_step.rise 
_ndb_struct_na_base_pair_step.tilt 
_ndb_struct_na_base_pair_step.roll 
_ndb_struct_na_base_pair_step.twist 
_ndb_struct_na_base_pair_step.x_displacement 
_ndb_struct_na_base_pair_step.y_displacement 
_ndb_struct_na_base_pair_step.helical_rise 
_ndb_struct_na_base_pair_step.inclination 
_ndb_struct_na_base_pair_step.tip 
_ndb_struct_na_base_pair_step.helical_twist 
_ndb_struct_na_base_pair_step.step_number 
_ndb_struct_na_base_pair_step.step_name 
_ndb_struct_na_base_pair_step.i_auth_asym_id_1 
_ndb_struct_na_base_pair_step.i_auth_seq_id_1 
_ndb_struct_na_base_pair_step.i_PDB_ins_code_1 
_ndb_struct_na_base_pair_step.j_auth_asym_id_1 
_ndb_struct_na_base_pair_step.j_auth_seq_id_1 
_ndb_struct_na_base_pair_step.j_PDB_ins_code_1 
_ndb_struct_na_base_pair_step.i_auth_asym_id_2 
_ndb_struct_na_base_pair_step.i_auth_seq_id_2 
_ndb_struct_na_base_pair_step.i_PDB_ins_code_2 
_ndb_struct_na_base_pair_step.j_auth_asym_id_2 
_ndb_struct_na_base_pair_step.j_auth_seq_id_2 
_ndb_struct_na_base_pair_step.j_PDB_ins_code_2 
1 A C 1 1_555 B G 6 1_555  A C 3 1_555 B G 4 1_555  -0.920 -2.911 6.404 -2.522 16.913 67.357 -3.718 0.637  5.653 15.003 2.237  
69.245 1 AA_C1C3:G4G6_BB A 1 ? B 6 ? A 3 ? B 4 ? 
1 A C 3 1_555 B G 4 1_555  A G 4 1_555 B C 3 1_555  0.146  -1.591 3.313 1.577  13.886 30.805 -4.801 -0.017 2.399 24.614 -2.796 
33.757 2 AA_C3G4:C3G4_BB A 3 ? B 4 ? A 4 ? B 3 ? 
1 A G 4 1_555 B C 3 1_555  A G 6 1_555 B C 1 1_555  0.304  -2.741 6.377 2.105  16.421 67.622 -3.524 -0.124 5.672 14.533 -1.863 
69.384 3 AA_G4G6:C1C3_BB A 4 ? B 3 ? A 6 ? B 1 ? 
1 C C 1 1_555 C G 6 12_555 C C 3 1_555 C G 4 12_555 -0.684 -2.416 6.542 -0.308 10.171 68.159 -2.872 0.583  6.176 9.024  0.274  
68.824 4 KK_C1C3:G4G6_KK K 1 ? K 6 ? K 3 ? K 4 ? 
1 C C 3 1_555 C G 4 12_555 C G 4 1_555 C C 3 12_555 0.000  -1.474 3.331 0.000  12.210 26.970 -5.288 0.000  2.448 24.639 0.000  
29.558 5 KK_C3G4:C3G4_KK K 3 ? K 4 ? K 4 ? K 3 ? 
1 C G 4 1_555 C C 3 12_555 C G 6 1_555 C C 1 12_555 0.684  -2.416 6.542 0.308  10.171 68.159 -2.872 -0.583 6.176 9.024  -0.274 
68.824 6 KK_G4G6:C1C3_KK K 4 ? K 3 ? K 6 ? K 1 ? 
# 
_atom_sites.entry_id                    3JXR 
_atom_sites.fract_transf_matrix[1][1]   0.02093502 
_atom_sites.fract_transf_matrix[1][2]   -0.00535740 
_atom_sites.fract_transf_matrix[1][3]   0.01793633 
_atom_sites.fract_transf_matrix[2][1]   -0.00540475 
_atom_sites.fract_transf_matrix[2][2]   -0.00301824 
_atom_sites.fract_transf_matrix[2][3]   0.02739325 
_atom_sites.fract_transf_matrix[3][1]   -0.00094637 
_atom_sites.fract_transf_matrix[3][2]   -0.00685014 
_atom_sites.fract_transf_matrix[3][3]   -0.00094148 
_atom_sites.fract_transf_vector[1]      0.383494 
_atom_sites.fract_transf_vector[2]      0.285501 
_atom_sites.fract_transf_vector[3]      0.087209 
# 
loop_
_atom_type.symbol 
C 
F 
N 
O 
P 
# 
loop_
_atom_site.group_PDB 
_atom_site.id 
_atom_site.type_symbol 
_atom_site.label_atom_id 
_atom_site.label_alt_id 
_atom_site.label_comp_id 
_atom_site.label_asym_id 
_atom_site.label_entity_id 
_atom_site.label_seq_id 
_atom_site.pdbx_PDB_ins_code 
_atom_site.Cartn_x 
_atom_site.Cartn_y 
_atom_site.Cartn_z 
_atom_site.occupancy 
_atom_site.B_iso_or_equiv 
_atom_site.pdbx_formal_charge 
_atom_site.auth_seq_id 
_atom_site.auth_comp_id 
_atom_site.auth_asym_id 
_atom_site.auth_atom_id 
_atom_site.pdbx_PDB_model_num 
ATOM   1   O "O5'" . C   A 1 1 ? -4.953  1.864   6.084   1.00 43.78 ? 1  C   A "O5'" 1 
ATOM   2   C "C5'" . C   A 1 1 ? -4.484  1.898   7.384   1.00 40.66 ? 1  C   A "C5'" 1 
ATOM   3   C "C4'" . C   A 1 1 ? -3.519  0.787   7.698   1.00 40.12 ? 1  C   A "C4'" 1 
ATOM   4   O "O4'" . C   A 1 1 ? -3.744  -0.338  6.830   1.00 39.15 ? 1  C   A "O4'" 1 
ATOM   5   C "C3'" . C   A 1 1 ? -2.065  1.130   7.427   1.00 39.35 ? 1  C   A "C3'" 1 
ATOM   6   O "O3'" . C   A 1 1 ? -1.430  1.778   8.502   1.00 39.32 ? 1  C   A "O3'" 1 
ATOM   7   C "C2'" . C   A 1 1 ? -1.334  -0.181  7.224   1.00 38.60 ? 1  C   A "C2'" 1 
ATOM   8   O "O2'" . C   A 1 1 ? -0.752  -0.811  8.397   1.00 37.05 ? 1  C   A "O2'" 1 
ATOM   9   C "C1'" . C   A 1 1 ? -2.476  -0.887  6.474   1.00 36.75 ? 1  C   A "C1'" 1 
ATOM   10  N N1    . C   A 1 1 ? -2.356  -0.790  4.963   1.00 35.95 ? 1  C   A N1    1 
ATOM   11  C C2    . C   A 1 1 ? -1.216  -1.335  4.357   1.00 34.70 ? 1  C   A C2    1 
ATOM   12  O O2    . C   A 1 1 ? -0.366  -1.856  5.057   1.00 34.30 ? 1  C   A O2    1 
ATOM   13  N N3    . C   A 1 1 ? -1.085  -1.285  3.011   1.00 34.10 ? 1  C   A N3    1 
ATOM   14  C C4    . C   A 1 1 ? -2.029  -0.736  2.270   1.00 33.67 ? 1  C   A C4    1 
ATOM   15  N N4    . C   A 1 1 ? -1.825  -0.729  0.954   1.00 34.43 ? 1  C   A N4    1 
ATOM   16  C C5    . C   A 1 1 ? -3.214  -0.172  2.836   1.00 34.37 ? 1  C   A C5    1 
ATOM   17  C C6    . C   A 1 1 ? -3.325  -0.211  4.174   1.00 34.61 ? 1  C   A C6    1 
ATOM   18  P P     . G   A 1 2 ? -0.524  3.055   8.156   1.00 36.53 ? 2  G   A P     1 
ATOM   19  O OP1   . G   A 1 2 ? -0.588  3.870   9.419   1.00 39.24 ? 2  G   A OP1   1 
ATOM   20  O OP2   . G   A 1 2 ? -1.074  3.738   6.954   1.00 34.30 ? 2  G   A OP2   1 
ATOM   21  O "O5'" . G   A 1 2 ? 0.959   2.454   7.976   1.00 32.01 ? 2  G   A "O5'" 1 
ATOM   22  C "C5'" . G   A 1 2 ? 1.675   1.868   9.016   1.00 29.07 ? 2  G   A "C5'" 1 
ATOM   23  C "C4'" . G   A 1 2 ? 3.065   1.608   8.480   1.00 26.92 ? 2  G   A "C4'" 1 
ATOM   24  O "O4'" . G   A 1 2 ? 3.006   0.512   7.510   1.00 28.04 ? 2  G   A "O4'" 1 
ATOM   25  C "C3'" . G   A 1 2 ? 3.778   2.750   7.730   1.00 23.71 ? 2  G   A "C3'" 1 
ATOM   26  O "O3'" . G   A 1 2 ? 4.420   3.698   8.614   1.00 24.01 ? 2  G   A "O3'" 1 
ATOM   27  C "C2'" . G   A 1 2 ? 4.783   1.944   6.934   1.00 24.16 ? 2  G   A "C2'" 1 
ATOM   28  O "O2'" . G   A 1 2 ? 5.891   1.469   7.730   1.00 28.61 ? 2  G   A "O2'" 1 
ATOM   29  C "C1'" . G   A 1 2 ? 3.895   0.822   6.437   1.00 27.38 ? 2  G   A "C1'" 1 
ATOM   30  N N9    . G   A 1 2 ? 3.071   1.069   5.252   1.00 27.25 ? 2  G   A N9    1 
ATOM   31  C C8    . G   A 1 2 ? 1.749   1.442   5.143   1.00 27.22 ? 2  G   A C8    1 
ATOM   32  N N7    . G   A 1 2 ? 1.302   1.536   3.917   1.00 28.70 ? 2  G   A N7    1 
ATOM   33  C C5    . G   A 1 2 ? 2.431   1.221   3.168   1.00 25.94 ? 2  G   A C5    1 
ATOM   34  C C6    . G   A 1 2 ? 2.598   1.134   1.768   1.00 29.34 ? 2  G   A C6    1 
ATOM   35  O O6    . G   A 1 2 ? 1.740   1.325   0.901   1.00 28.96 ? 2  G   A O6    1 
ATOM   36  N N1    . G   A 1 2 ? 3.891   0.775   1.427   1.00 27.60 ? 2  G   A N1    1 
ATOM   37  C C2    . G   A 1 2 ? 4.932   0.536   2.280   1.00 28.74 ? 2  G   A C2    1 
ATOM   38  N N2    . G   A 1 2 ? 6.124   0.221   1.733   1.00 29.86 ? 2  G   A N2    1 
ATOM   39  N N3    . G   A 1 2 ? 4.789   0.598   3.612   1.00 28.31 ? 2  G   A N3    1 
ATOM   40  C C4    . G   A 1 2 ? 3.523   0.940   3.952   1.00 26.15 ? 2  G   A C4    1 
ATOM   41  P P     . C   A 1 3 ? 4.440   5.234   8.178   1.00 26.77 ? 3  C   A P     1 
ATOM   42  O OP1   . C   A 1 3 ? 4.897   5.829   9.472   1.00 28.46 ? 3  C   A OP1   1 
ATOM   43  O OP2   . C   A 1 3 ? 3.259   5.794   7.495   1.00 19.01 ? 3  C   A OP2   1 
ATOM   44  O "O5'" . C   A 1 3 ? 5.484   5.313   6.933   1.00 24.53 ? 3  C   A "O5'" 1 
ATOM   45  C "C5'" . C   A 1 3 ? 6.812   4.976   7.063   1.00 26.26 ? 3  C   A "C5'" 1 
ATOM   46  C "C4'" . C   A 1 3 ? 7.374   4.844   5.675   1.00 20.93 ? 3  C   A "C4'" 1 
ATOM   47  O "O4'" . C   A 1 3 ? 6.670   3.790   5.038   1.00 21.83 ? 3  C   A "O4'" 1 
ATOM   48  C "C3'" . C   A 1 3 ? 7.224   6.035   4.752   1.00 17.81 ? 3  C   A "C3'" 1 
ATOM   49  O "O3'" . C   A 1 3 ? 8.088   7.085   5.154   1.00 18.55 ? 3  C   A "O3'" 1 
ATOM   50  C "C2'" . C   A 1 3 ? 7.660   5.264   3.529   1.00 18.78 ? 3  C   A "C2'" 1 
ATOM   51  O "O2'" . C   A 1 3 ? 9.018   4.969   3.545   1.00 19.27 ? 3  C   A "O2'" 1 
ATOM   52  C "C1'" . C   A 1 3 ? 6.820   4.009   3.671   1.00 20.18 ? 3  C   A "C1'" 1 
ATOM   53  N N1    . C   A 1 3 ? 5.511   4.150   2.997   1.00 20.35 ? 3  C   A N1    1 
ATOM   54  C C2    . C   A 1 3 ? 5.455   3.924   1.616   1.00 18.74 ? 3  C   A C2    1 
ATOM   55  O O2    . C   A 1 3 ? 6.485   3.655   0.982   1.00 19.35 ? 3  C   A O2    1 
ATOM   56  N N3    . C   A 1 3 ? 4.281   4.040   0.974   1.00 18.83 ? 3  C   A N3    1 
ATOM   57  C C4    . C   A 1 3 ? 3.160   4.382   1.652   1.00 19.08 ? 3  C   A C4    1 
ATOM   58  N N4    . C   A 1 3 ? 2.016   4.447   0.962   1.00 21.23 ? 3  C   A N4    1 
ATOM   59  C C5    . C   A 1 3 ? 3.195   4.603   3.061   1.00 21.12 ? 3  C   A C5    1 
ATOM   60  C C6    . C   A 1 3 ? 4.369   4.468   3.688   1.00 19.94 ? 3  C   A C6    1 
ATOM   61  P P     . G   A 1 4 ? 7.767   8.582   4.823   1.00 17.90 ? 4  G   A P     1 
ATOM   62  O OP1   . G   A 1 4 ? 8.827   9.381   5.454   1.00 16.71 ? 4  G   A OP1   1 
ATOM   63  O OP2   . G   A 1 4 ? 6.370   8.834   5.132   1.00 19.95 ? 4  G   A OP2   1 
ATOM   64  O "O5'" . G   A 1 4 ? 7.882   8.682   3.257   1.00 18.00 ? 4  G   A "O5'" 1 
ATOM   65  C "C5'" . G   A 1 4 ? 9.181   8.645   2.698   1.00 18.86 ? 4  G   A "C5'" 1 
ATOM   66  C "C4'" . G   A 1 4 ? 9.180   8.473   1.199   1.00 16.79 ? 4  G   A "C4'" 1 
ATOM   67  O "O4'" . G   A 1 4 ? 8.504   7.250   0.847   1.00 18.12 ? 4  G   A "O4'" 1 
ATOM   68  C "C3'" . G   A 1 4 ? 8.545   9.575   0.394   1.00 16.01 ? 4  G   A "C3'" 1 
ATOM   69  O "O3'" . G   A 1 4 ? 9.395   10.676  0.258   1.00 17.07 ? 4  G   A "O3'" 1 
ATOM   70  C "C2'" . G   A 1 4 ? 8.348   8.850   -0.904  1.00 17.69 ? 4  G   A "C2'" 1 
ATOM   71  O "O2'" . G   A 1 4 ? 9.560   8.731   -1.584  1.00 18.00 ? 4  G   A "O2'" 1 
ATOM   72  C "C1'" . G   A 1 4 ? 7.871   7.518   -0.392  1.00 17.90 ? 4  G   A "C1'" 1 
ATOM   73  N N9    . G   A 1 4 ? 6.425   7.448   -0.220  1.00 16.48 ? 4  G   A N9    1 
ATOM   74  C C8    . G   A 1 4 ? 5.706   7.464   0.932   1.00 18.03 ? 4  G   A C8    1 
ATOM   75  N N7    . G   A 1 4 ? 4.427   7.364   0.740   1.00 17.20 ? 4  G   A N7    1 
ATOM   76  C C5    . G   A 1 4 ? 4.284   7.253   -0.644  1.00 16.69 ? 4  G   A C5    1 
ATOM   77  C C6    . G   A 1 4 ? 3.161   7.078   -1.472  1.00 17.02 ? 4  G   A C6    1 
ATOM   78  O O6    . G   A 1 4 ? 1.990   6.993   -1.160  1.00 17.95 ? 4  G   A O6    1 
ATOM   79  N N1    . G   A 1 4 ? 3.458   7.028   -2.800  1.00 15.89 ? 4  G   A N1    1 
ATOM   80  C C2    . G   A 1 4 ? 4.751   7.081   -3.302  1.00 15.69 ? 4  G   A C2    1 
ATOM   81  N N2    . G   A 1 4 ? 4.875   7.053   -4.635  1.00 16.80 ? 4  G   A N2    1 
ATOM   82  N N3    . G   A 1 4 ? 5.822   7.223   -2.526  1.00 16.09 ? 4  G   A N3    1 
ATOM   83  C C4    . G   A 1 4 ? 5.521   7.289   -1.248  1.00 16.13 ? 4  G   A C4    1 
HETATM 84  P P     . 5CF A 1 5 ? 8.797   12.129  0.000   1.00 18.38 ? 5  5CF A P     1 
HETATM 85  N N1    . 5CF A 1 5 ? 5.225   10.673  -3.546  1.00 16.94 ? 5  5CF A N1    1 
HETATM 86  C C2    . 5CF A 1 5 ? 3.945   10.411  -4.078  1.00 15.51 ? 5  5CF A C2    1 
HETATM 87  O O2    . 5CF A 1 5 ? 3.815   10.296  -5.313  1.00 16.77 ? 5  5CF A O2    1 
HETATM 88  N N3    . 5CF A 1 5 ? 2.928   10.317  -3.185  1.00 16.23 ? 5  5CF A N3    1 
HETATM 89  C C4    . 5CF A 1 5 ? 3.069   10.456  -1.888  1.00 16.37 ? 5  5CF A C4    1 
HETATM 90  N N4    . 5CF A 1 5 ? 2.006   10.335  -1.067  1.00 17.40 ? 5  5CF A N4    1 
HETATM 91  C C5    . 5CF A 1 5 ? 4.389   10.727  -1.374  1.00 17.20 ? 5  5CF A C5    1 
HETATM 92  F F5    . 5CF A 1 5 ? 4.532   11.061  -0.083  1.00 22.03 ? 5  5CF A F5    1 
HETATM 93  C C6    . 5CF A 1 5 ? 5.410   10.848  -2.212  1.00 17.21 ? 5  5CF A C6    1 
HETATM 94  C "C1'" . 5CF A 1 5 ? 6.364   10.748  -4.459  1.00 17.38 ? 5  5CF A "C1'" 1 
HETATM 95  C "C2'" . 5CF A 1 5 ? 6.484   12.050  -5.189  1.00 17.15 ? 5  5CF A "C2'" 1 
HETATM 96  O "O2'" . 5CF A 1 5 ? 7.111   11.825  -6.407  1.00 18.16 ? 5  5CF A "O2'" 1 
HETATM 97  C "C3'" . 5CF A 1 5 ? 7.293   12.815  -4.185  1.00 16.80 ? 5  5CF A "C3'" 1 
HETATM 98  O "O3'" . 5CF A 1 5 ? 7.816   13.936  -4.757  1.00 18.47 ? 5  5CF A "O3'" 1 
HETATM 99  C "C4'" . 5CF A 1 5 ? 8.341   11.753  -3.880  1.00 18.35 ? 5  5CF A "C4'" 1 
HETATM 100 O "O4'" . 5CF A 1 5 ? 7.571   10.560  -3.749  1.00 17.68 ? 5  5CF A "O4'" 1 
HETATM 101 C "C5'" . 5CF A 1 5 ? 9.102   11.956  -2.590  1.00 20.69 ? 5  5CF A "C5'" 1 
HETATM 102 O "O5'" . 5CF A 1 5 ? 8.235   12.107  -1.465  1.00 18.43 ? 5  5CF A "O5'" 1 
HETATM 103 O OP1   . 5CF A 1 5 ? 9.920   13.051  0.105   1.00 19.01 ? 5  5CF A OP1   1 
HETATM 104 O OP2   . 5CF A 1 5 ? 7.590   12.303  0.834   1.00 20.03 ? 5  5CF A OP2   1 
ATOM   105 P P     . G   A 1 6 ? 7.190   15.333  -4.495  1.00 18.79 ? 6  G   A P     1 
ATOM   106 O OP1   . G   A 1 6 ? 8.047   16.319  -5.193  1.00 20.21 ? 6  G   A OP1   1 
ATOM   107 O OP2   . G   A 1 6 ? 6.950   15.459  -3.081  1.00 21.16 ? 6  G   A OP2   1 
ATOM   108 O "O5'" . G   A 1 6 ? 5.788   15.287  -5.248  1.00 16.47 ? 6  G   A "O5'" 1 
ATOM   109 C "C5'" . G   A 1 6 ? 5.727   15.193  -6.634  1.00 15.72 ? 6  G   A "C5'" 1 
ATOM   110 C "C4'" . G   A 1 6 ? 4.310   15.063  -7.121  1.00 14.17 ? 6  G   A "C4'" 1 
ATOM   111 O "O4'" . G   A 1 6 ? 3.793   13.820  -6.607  1.00 12.81 ? 6  G   A "O4'" 1 
ATOM   112 C "C3'" . G   A 1 6 ? 3.327   16.115  -6.656  1.00 13.92 ? 6  G   A "C3'" 1 
ATOM   113 O "O3'" . G   A 1 6 ? 3.380   17.313  -7.419  1.00 15.59 ? 6  G   A "O3'" 1 
ATOM   114 C "C2'" . G   A 1 6 ? 2.013   15.389  -6.885  1.00 12.81 ? 6  G   A "C2'" 1 
ATOM   115 O "O2'" . G   A 1 6 ? 1.646   15.449  -8.256  1.00 14.15 ? 6  G   A "O2'" 1 
ATOM   116 C "C1'" . G   A 1 6 ? 2.387   13.940  -6.473  1.00 13.25 ? 6  G   A "C1'" 1 
ATOM   117 N N9    . G   A 1 6 ? 2.022   13.702  -5.065  1.00 13.25 ? 6  G   A N9    1 
ATOM   118 C C8    . G   A 1 6 ? 2.776   13.819  -3.971  1.00 14.16 ? 6  G   A C8    1 
ATOM   119 N N7    . G   A 1 6 ? 2.157   13.544  -2.857  1.00 14.20 ? 6  G   A N7    1 
ATOM   120 C C5    . G   A 1 6 ? 0.882   13.257  -3.273  1.00 13.48 ? 6  G   A C5    1 
ATOM   121 C C6    . G   A 1 6 ? -0.252  12.834  -2.532  1.00 12.50 ? 6  G   A C6    1 
ATOM   122 O O6    . G   A 1 6 ? -0.352  12.700  -1.319  1.00 14.09 ? 6  G   A O6    1 
ATOM   123 N N1    . G   A 1 6 ? -1.353  12.652  -3.314  1.00 13.28 ? 6  G   A N1    1 
ATOM   124 C C2    . G   A 1 6 ? -1.364  12.820  -4.677  1.00 12.88 ? 6  G   A C2    1 
ATOM   125 N N2    . G   A 1 6 ? -2.514  12.564  -5.289  1.00 13.03 ? 6  G   A N2    1 
ATOM   126 N N3    . G   A 1 6 ? -0.293  13.148  -5.353  1.00 12.84 ? 6  G   A N3    1 
ATOM   127 C C4    . G   A 1 6 ? 0.779   13.374  -4.618  1.00 12.58 ? 6  G   A C4    1 
ATOM   128 O "O5'" . C   B 1 1 ? -8.541  8.132   -0.425  1.00 20.70 ? 1  C   B "O5'" 1 
ATOM   129 C "C5'" . C   B 1 1 ? -9.504  8.543   -1.293  1.00 18.29 ? 1  C   B "C5'" 1 
ATOM   130 C "C4'" . C   B 1 1 ? -8.912  9.289   -2.476  1.00 17.13 ? 1  C   B "C4'" 1 
ATOM   131 O "O4'" . C   B 1 1 ? -8.289  10.545  -2.102  1.00 15.64 ? 1  C   B "O4'" 1 
ATOM   132 C "C3'" . C   B 1 1 ? -7.853  8.556   -3.252  1.00 15.87 ? 1  C   B "C3'" 1 
ATOM   133 O "O3'" . C   B 1 1 ? -8.344  7.566   -4.072  1.00 16.90 ? 1  C   B "O3'" 1 
ATOM   134 C "C2'" . C   B 1 1 ? -7.271  9.733   -4.026  1.00 15.70 ? 1  C   B "C2'" 1 
ATOM   135 O "O2'" . C   B 1 1 ? -8.099  10.156  -5.087  1.00 16.43 ? 1  C   B "O2'" 1 
ATOM   136 C "C1'" . C   B 1 1 ? -7.232  10.798  -2.970  1.00 14.42 ? 1  C   B "C1'" 1 
ATOM   137 N N1    . C   B 1 1 ? -5.990  10.820  -2.198  1.00 14.15 ? 1  C   B N1    1 
ATOM   138 C C2    . C   B 1 1 ? -4.878  11.456  -2.764  1.00 12.88 ? 1  C   B C2    1 
ATOM   139 O O2    . C   B 1 1 ? -4.963  11.895  -3.915  1.00 13.88 ? 1  C   B O2    1 
ATOM   140 N N3    . C   B 1 1 ? -3.735  11.538  -2.057  1.00 12.81 ? 1  C   B N3    1 
ATOM   141 C C4    . C   B 1 1 ? -3.641  11.056  -0.821  1.00 13.96 ? 1  C   B C4    1 
ATOM   142 N N4    . C   B 1 1 ? -2.514  11.191  -0.132  1.00 14.71 ? 1  C   B N4    1 
ATOM   143 C C5    . C   B 1 1 ? -4.764  10.391  -0.212  1.00 15.86 ? 1  C   B C5    1 
ATOM   144 C C6    . C   B 1 1 ? -5.858  10.283  -0.932  1.00 14.88 ? 1  C   B C6    1 
ATOM   145 P P     . G   B 1 2 ? -7.425  6.328   -4.479  1.00 17.79 ? 2  G   B P     1 
ATOM   146 O OP1   . G   B 1 2 ? -8.337  5.330   -5.042  1.00 19.54 ? 2  G   B OP1   1 
ATOM   147 O OP2   . G   B 1 2 ? -6.533  5.908   -3.382  1.00 18.42 ? 2  G   B OP2   1 
ATOM   148 O "O5'" . G   B 1 2 ? -6.452  6.949   -5.552  1.00 17.73 ? 2  G   B "O5'" 1 
ATOM   149 C "C5'" . G   B 1 2 ? -6.933  7.385   -6.792  1.00 17.97 ? 2  G   B "C5'" 1 
ATOM   150 C "C4'" . G   B 1 2 ? -5.804  7.988   -7.574  1.00 16.20 ? 2  G   B "C4'" 1 
ATOM   151 O "O4'" . G   B 1 2 ? -5.224  9.097   -6.857  1.00 16.31 ? 2  G   B "O4'" 1 
ATOM   152 C "C3'" . G   B 1 2 ? -4.615  7.083   -7.784  1.00 16.56 ? 2  G   B "C3'" 1 
ATOM   153 O "O3'" . G   B 1 2 ? -4.830  6.198   -8.847  1.00 18.36 ? 2  G   B "O3'" 1 
ATOM   154 C "C2'" . G   B 1 2 ? -3.510  8.056   -8.100  1.00 15.84 ? 2  G   B "C2'" 1 
ATOM   155 O "O2'" . G   B 1 2 ? -3.529  8.538   -9.430  1.00 17.64 ? 2  G   B "O2'" 1 
ATOM   156 C "C1'" . G   B 1 2 ? -3.802  9.104   -7.071  1.00 15.09 ? 2  G   B "C1'" 1 
ATOM   157 N N9    . G   B 1 2 ? -3.206  8.990   -5.762  1.00 13.25 ? 2  G   B N9    1 
ATOM   158 C C8    . G   B 1 2 ? -3.748  8.581   -4.595  1.00 13.08 ? 2  G   B C8    1 
ATOM   159 N N7    . G   B 1 2 ? -2.968  8.643   -3.567  1.00 13.66 ? 2  G   B N7    1 
ATOM   160 C C5    . G   B 1 2 ? -1.779  9.103   -4.085  1.00 13.76 ? 2  G   B C5    1 
ATOM   161 C C6    . G   B 1 2 ? -0.585  9.398   -3.452  1.00 13.64 ? 2  G   B C6    1 
ATOM   162 O O6    . G   B 1 2 ? -0.345  9.352   -2.254  1.00 14.50 ? 2  G   B O6    1 
ATOM   163 N N1    . G   B 1 2 ? 0.390   9.795   -4.334  1.00 13.01 ? 2  G   B N1    1 
ATOM   164 C C2    . G   B 1 2 ? 0.212   9.939   -5.684  1.00 14.03 ? 2  G   B C2    1 
ATOM   165 N N2    . G   B 1 2 ? 1.300   10.320  -6.431  1.00 14.34 ? 2  G   B N2    1 
ATOM   166 N N3    . G   B 1 2 ? -0.951  9.714   -6.300  1.00 13.63 ? 2  G   B N3    1 
ATOM   167 C C4    . G   B 1 2 ? -1.894  9.308   -5.435  1.00 13.47 ? 2  G   B C4    1 
ATOM   168 P P     . C   B 1 3 ? -4.215  4.710   -8.713  1.00 19.97 ? 3  C   B P     1 
ATOM   169 O OP1   . C   B 1 3 ? -4.759  3.943   -9.865  1.00 23.45 ? 3  C   B OP1   1 
ATOM   170 O OP2   . C   B 1 3 ? -4.381  4.118   -7.412  1.00 19.62 ? 3  C   B OP2   1 
ATOM   171 O "O5'" . C   B 1 3 ? -2.665  4.935   -8.925  1.00 18.37 ? 3  C   B "O5'" 1 
ATOM   172 C "C5'" . C   B 1 3 ? -2.168  5.491   -10.114 1.00 18.11 ? 3  C   B "C5'" 1 
ATOM   173 C "C4'" . C   B 1 3 ? -0.695  5.754   -9.984  1.00 17.54 ? 3  C   B "C4'" 1 
ATOM   174 O "O4'" . C   B 1 3 ? -0.537  6.812   -9.000  1.00 17.21 ? 3  C   B "O4'" 1 
ATOM   175 C "C3'" . C   B 1 3 ? 0.169   4.653   -9.417  1.00 18.58 ? 3  C   B "C3'" 1 
ATOM   176 O "O3'" . C   B 1 3 ? 0.477   3.666   -10.343 1.00 19.96 ? 3  C   B "O3'" 1 
ATOM   177 C "C2'" . C   B 1 3 ? 1.374   5.466   -9.043  1.00 17.84 ? 3  C   B "C2'" 1 
ATOM   178 O "O2'" . C   B 1 3 ? 2.116   5.935   -10.130 1.00 18.23 ? 3  C   B "O2'" 1 
ATOM   179 C "C1'" . C   B 1 3 ? 0.695   6.616   -8.329  1.00 15.51 ? 3  C   B "C1'" 1 
ATOM   180 N N1    . C   B 1 3 ? 0.490   6.453   -6.905  1.00 15.53 ? 3  C   B N1    1 
ATOM   181 C C2    . C   B 1 3 ? 1.546   6.709   -6.004  1.00 16.33 ? 3  C   B C2    1 
ATOM   182 O O2    . C   B 1 3 ? 2.667   7.041   -6.420  1.00 16.57 ? 3  C   B O2    1 
ATOM   183 N N3    . C   B 1 3 ? 1.292   6.624   -4.669  1.00 16.46 ? 3  C   B N3    1 
ATOM   184 C C4    . C   B 1 3 ? 0.093   6.237   -4.213  1.00 14.92 ? 3  C   B C4    1 
ATOM   185 N N4    . C   B 1 3 ? -0.098  6.159   -2.949  1.00 15.61 ? 3  C   B N4    1 
ATOM   186 C C5    . C   B 1 3 ? -0.962  5.909   -5.110  1.00 15.79 ? 3  C   B C5    1 
ATOM   187 C C6    . C   B 1 3 ? -0.718  6.056   -6.423  1.00 15.87 ? 3  C   B C6    1 
ATOM   188 P P     . G   B 1 4 ? 0.888   2.243   -9.829  1.00 22.51 ? 4  G   B P     1 
ATOM   189 O OP1   . G   B 1 4 ? 1.010   1.455   -11.049 1.00 25.54 ? 4  G   B OP1   1 
ATOM   190 O OP2   . G   B 1 4 ? -0.055  1.785   -8.826  1.00 23.29 ? 4  G   B OP2   1 
ATOM   191 O "O5'" . G   B 1 4 ? 2.314   2.380   -9.146  1.00 21.91 ? 4  G   B "O5'" 1 
ATOM   192 C "C5'" . G   B 1 4 ? 3.430   2.657   -9.895  1.00 22.14 ? 4  G   B "C5'" 1 
ATOM   193 C "C4'" . G   B 1 4 ? 4.622   2.815   -8.987  1.00 23.10 ? 4  G   B "C4'" 1 
ATOM   194 O "O4'" . G   B 1 4 ? 4.412   3.929   -8.092  1.00 22.84 ? 4  G   B "O4'" 1 
ATOM   195 C "C3'" . G   B 1 4 ? 4.977   1.714   -8.005  1.00 22.70 ? 4  G   B "C3'" 1 
ATOM   196 O "O3'" . G   B 1 4 ? 5.632   0.641   -8.653  1.00 24.09 ? 4  G   B "O3'" 1 
ATOM   197 C "C2'" . G   B 1 4 ? 5.915   2.443   -7.067  1.00 23.74 ? 4  G   B "C2'" 1 
ATOM   198 O "O2'" . G   B 1 4 ? 7.160   2.823   -7.611  1.00 25.11 ? 4  G   B "O2'" 1 
ATOM   199 C "C1'" . G   B 1 4 ? 5.092   3.687   -6.851  1.00 21.29 ? 4  G   B "C1'" 1 
ATOM   200 N N9    . G   B 1 4 ? 4.085   3.611   -5.799  1.00 19.18 ? 4  G   B N9    1 
ATOM   201 C C8    . G   B 1 4 ? 2.750   3.415   -5.965  1.00 17.93 ? 4  G   B C8    1 
ATOM   202 N N7    . G   B 1 4 ? 2.101   3.396   -4.843  1.00 19.05 ? 4  G   B N7    1 
ATOM   203 C C5    . G   B 1 4 ? 3.085   3.566   -3.865  1.00 18.81 ? 4  G   B C5    1 
ATOM   204 C C6    . G   B 1 4 ? 3.033   3.647   -2.435  1.00 17.84 ? 4  G   B C6    1 
ATOM   205 O O6    . G   B 1 4 ? 2.000   3.590   -1.728  1.00 19.84 ? 4  G   B O6    1 
ATOM   206 N N1    . G   B 1 4 ? 4.278   3.781   -1.861  1.00 18.17 ? 4  G   B N1    1 
ATOM   207 C C2    . G   B 1 4 ? 5.462   3.829   -2.564  1.00 18.16 ? 4  G   B C2    1 
ATOM   208 N N2    . G   B 1 4 ? 6.582   3.975   -1.869  1.00 19.50 ? 4  G   B N2    1 
ATOM   209 N N3    . G   B 1 4 ? 5.492   3.834   -3.894  1.00 18.69 ? 4  G   B N3    1 
ATOM   210 C C4    . G   B 1 4 ? 4.307   3.689   -4.460  1.00 18.29 ? 4  G   B C4    1 
HETATM 211 P P     . 5CF B 1 5 ? 5.269   -0.865  -8.288  1.00 26.90 ? 5  5CF B P     1 
HETATM 212 N N1    . 5CF B 1 5 ? 5.581   0.194   -3.305  1.00 25.32 ? 5  5CF B N1    1 
HETATM 213 C C2    . 5CF B 1 5 ? 5.131   0.379   -1.984  1.00 25.54 ? 5  5CF B C2    1 
HETATM 214 O O2    . 5CF B 1 5 ? 5.958   0.448   -1.054  1.00 27.12 ? 5  5CF B O2    1 
HETATM 215 N N3    . 5CF B 1 5 ? 3.792   0.465   -1.777  1.00 24.39 ? 5  5CF B N3    1 
HETATM 216 C C4    . 5CF B 1 5 ? 2.939   0.370   -2.745  1.00 25.70 ? 5  5CF B C4    1 
HETATM 217 N N4    . 5CF B 1 5 ? 1.663   0.458   -2.388  1.00 27.79 ? 5  5CF B N4    1 
HETATM 218 C C5    . 5CF B 1 5 ? 3.392   0.182   -4.086  1.00 24.47 ? 5  5CF B C5    1 
HETATM 219 F F5    . 5CF B 1 5 ? 2.309   -0.094  -4.716  1.00 28.58 ? 5  5CF B F5    1 
HETATM 220 C C6    . 5CF B 1 5 ? 4.693   0.111   -4.305  1.00 24.08 ? 5  5CF B C6    1 
HETATM 221 C "C1'" . 5CF B 1 5 ? 7.018   0.130   -3.532  1.00 24.68 ? 5  5CF B "C1'" 1 
HETATM 222 C "C2'" . 5CF B 1 5 ? 7.565   -1.252  -3.285  1.00 26.44 ? 5  5CF B "C2'" 1 
HETATM 223 O "O2'" . 5CF B 1 5 ? 8.964   -1.222  -3.062  1.00 27.42 ? 5  5CF B "O2'" 1 
HETATM 224 C "C3'" . 5CF B 1 5 ? 7.267   -1.880  -4.621  1.00 27.09 ? 5  5CF B "C3'" 1 
HETATM 225 O "O3'" . 5CF B 1 5 ? 7.998   -3.059  -4.764  1.00 31.04 ? 5  5CF B "O3'" 1 
HETATM 226 C "C4'" . 5CF B 1 5 ? 7.873   -0.801  -5.495  1.00 26.86 ? 5  5CF B "C4'" 1 
HETATM 227 O "O4'" . 5CF B 1 5 ? 7.352   0.388   -4.869  1.00 24.74 ? 5  5CF B "O4'" 1 
HETATM 228 C "C5'" . 5CF B 1 5 ? 7.432   -0.760  -6.935  1.00 28.11 ? 5  5CF B "C5'" 1 
HETATM 229 O "O5'" . 5CF B 1 5 ? 6.059   -1.084  -6.942  1.00 29.35 ? 5  5CF B "O5'" 1 
HETATM 230 O OP1   . 5CF B 1 5 ? 5.997   -1.617  -9.304  1.00 30.69 ? 5  5CF B OP1   1 
HETATM 231 O OP2   . 5CF B 1 5 ? 3.858   -1.184  -8.006  1.00 27.59 ? 5  5CF B OP2   1 
ATOM   232 P P     . G   B 1 6 ? 7.335   -4.476  -4.412  1.00 34.22 ? 6  G   B P     1 
ATOM   233 O OP1   . G   B 1 6 ? 8.363   -5.441  -4.905  1.00 37.18 ? 6  G   B OP1   1 
ATOM   234 O OP2   . G   B 1 6 ? 6.000   -4.491  -5.057  1.00 37.18 ? 6  G   B OP2   1 
ATOM   235 O "O5'" . G   B 1 6 ? 7.216   -4.489  -2.808  1.00 33.45 ? 6  G   B "O5'" 1 
ATOM   236 C "C5'" . G   B 1 6 ? 8.338   -4.341  -1.934  1.00 33.79 ? 6  G   B "C5'" 1 
ATOM   237 C "C4'" . G   B 1 6 ? 7.861   -4.089  -0.522  1.00 34.48 ? 6  G   B "C4'" 1 
ATOM   238 O "O4'" . G   B 1 6 ? 6.945   -2.982  -0.426  1.00 34.21 ? 6  G   B "O4'" 1 
ATOM   239 C "C3'" . G   B 1 6 ? 6.993   -5.180  0.031   1.00 35.52 ? 6  G   B "C3'" 1 
ATOM   240 O "O3'" . G   B 1 6 ? 7.827   -6.338  0.153   1.00 37.30 ? 6  G   B "O3'" 1 
ATOM   241 C "C2'" . G   B 1 6 ? 6.431   -4.490  1.299   1.00 35.27 ? 6  G   B "C2'" 1 
ATOM   242 O "O2'" . G   B 1 6 ? 7.280   -4.425  2.442   1.00 37.32 ? 6  G   B "O2'" 1 
ATOM   243 C "C1'" . G   B 1 6 ? 6.158   -3.091  0.746   1.00 32.31 ? 6  G   B "C1'" 1 
ATOM   244 N N9    . G   B 1 6 ? 4.819   -2.899  0.283   1.00 30.39 ? 6  G   B N9    1 
ATOM   245 C C8    . G   B 1 6 ? 4.431   -2.989  -1.035  1.00 29.94 ? 6  G   B C8    1 
ATOM   246 N N7    . G   B 1 6 ? 3.169   -2.778  -1.222  1.00 29.94 ? 6  G   B N7    1 
ATOM   247 C C5    . G   B 1 6 ? 2.694   -2.542  0.045   1.00 28.55 ? 6  G   B C5    1 
ATOM   248 C C6    . G   B 1 6 ? 1.372   -2.274  0.404   1.00 29.29 ? 6  G   B C6    1 
ATOM   249 O O6    . G   B 1 6 ? 0.371   -2.181  -0.322  1.00 30.73 ? 6  G   B O6    1 
ATOM   250 N N1    . G   B 1 6 ? 1.280   -2.090  1.759   1.00 31.03 ? 6  G   B N1    1 
ATOM   251 C C2    . G   B 1 6 ? 2.312   -2.175  2.667   1.00 30.75 ? 6  G   B C2    1 
ATOM   252 N N2    . G   B 1 6 ? 1.924   -1.958  3.958   1.00 31.89 ? 6  G   B N2    1 
ATOM   253 N N3    . G   B 1 6 ? 3.585   -2.441  2.333   1.00 29.54 ? 6  G   B N3    1 
ATOM   254 C C4    . G   B 1 6 ? 3.688   -2.611  1.000   1.00 28.23 ? 6  G   B C4    1 
ATOM   255 O "O5'" . C   C 1 1 ? 3.118   -7.353  -2.397  1.00 40.00 ? 1  C   K "O5'" 1 
ATOM   256 C "C5'" . C   C 1 1 ? 4.221   -7.786  -1.669  1.00 38.57 ? 1  C   K "C5'" 1 
ATOM   257 C "C4'" . C   C 1 1 ? 4.243   -7.339  -0.210  1.00 36.81 ? 1  C   K "C4'" 1 
ATOM   258 O "O4'" . C   C 1 1 ? 3.681   -6.008  -0.010  1.00 33.68 ? 1  C   K "O4'" 1 
ATOM   259 C "C3'" . C   C 1 1 ? 3.460   -8.248  0.718   1.00 37.05 ? 1  C   K "C3'" 1 
ATOM   260 O "O3'" . C   C 1 1 ? 4.121   -9.506  0.974   1.00 37.99 ? 1  C   K "O3'" 1 
ATOM   261 C "C2'" . C   C 1 1 ? 3.339   -7.335  1.943   1.00 36.11 ? 1  C   K "C2'" 1 
ATOM   262 O "O2'" . C   C 1 1 ? 4.511   -7.316  2.757   1.00 35.82 ? 1  C   K "O2'" 1 
ATOM   263 C "C1'" . C   C 1 1 ? 3.030   -6.002  1.256   1.00 32.19 ? 1  C   K "C1'" 1 
ATOM   264 N N1    . C   C 1 1 ? 1.600   -5.676  1.011   1.00 30.60 ? 1  C   K N1    1 
ATOM   265 C C2    . C   C 1 1 ? 0.786   -5.277  2.073   1.00 30.07 ? 1  C   K C2    1 
ATOM   266 O O2    . C   C 1 1 ? 1.266   -5.303  3.216   1.00 29.03 ? 1  C   K O2    1 
ATOM   267 N N3    . C   C 1 1 ? -0.525  -4.910  1.816   1.00 27.91 ? 1  C   K N3    1 
ATOM   268 C C4    . C   C 1 1 ? -0.997  -4.921  0.579   1.00 28.66 ? 1  C   K C4    1 
ATOM   269 N N4    . C   C 1 1 ? -2.265  -4.569  0.407   1.00 29.81 ? 1  C   K N4    1 
ATOM   270 C C5    . C   C 1 1 ? -0.192  -5.314  -0.521  1.00 29.13 ? 1  C   K C5    1 
ATOM   271 C C6    . C   C 1 1 ? 1.081   -5.669  -0.259  1.00 29.26 ? 1  C   K C6    1 
ATOM   272 P P     . G   C 1 2 ? 3.278   -10.849 1.344   1.00 37.72 ? 2  G   K P     1 
ATOM   273 O OP1   . G   C 1 2 ? 4.242   -11.963 1.324   1.00 39.09 ? 2  G   K OP1   1 
ATOM   274 O OP2   . G   C 1 2 ? 2.030   -10.929 0.535   1.00 39.29 ? 2  G   K OP2   1 
ATOM   275 O "O5'" . G   C 1 2 ? 2.758   -10.635 2.824   1.00 37.12 ? 2  G   K "O5'" 1 
ATOM   276 C "C5'" . G   C 1 2 ? 3.670   -10.689 3.912   1.00 38.40 ? 2  G   K "C5'" 1 
ATOM   277 C "C4'" . G   C 1 2 ? 2.917   -10.261 5.156   1.00 39.30 ? 2  G   K "C4'" 1 
ATOM   278 O "O4'" . G   C 1 2 ? 2.261   -8.985  4.930   1.00 40.00 ? 2  G   K "O4'" 1 
ATOM   279 C "C3'" . G   C 1 2 ? 1.761   -11.171 5.471   1.00 39.19 ? 2  G   K "C3'" 1 
ATOM   280 O "O3'" . G   C 1 2 ? 2.231   -12.273 6.190   1.00 41.18 ? 2  G   K "O3'" 1 
ATOM   281 C "C2'" . G   C 1 2 ? 0.769   -10.306 6.244   1.00 38.35 ? 2  G   K "C2'" 1 
ATOM   282 O "O2'" . G   C 1 2 ? 1.011   -10.190 7.630   1.00 40.14 ? 2  G   K "O2'" 1 
ATOM   283 C "C1'" . G   C 1 2 ? 0.966   -8.980  5.535   1.00 35.90 ? 2  G   K "C1'" 1 
ATOM   284 N N9    . G   C 1 2 ? -0.049  -8.651  4.520   1.00 34.01 ? 2  G   K N9    1 
ATOM   285 C C8    . G   C 1 2 ? 0.060   -8.691  3.133   1.00 32.07 ? 2  G   K C8    1 
ATOM   286 N N7    . G   C 1 2 ? -1.024  -8.306  2.524   1.00 32.04 ? 2  G   K N7    1 
ATOM   287 C C5    . G   C 1 2 ? -1.878  -7.975  3.585   1.00 31.99 ? 2  G   K C5    1 
ATOM   288 C C6    . G   C 1 2 ? -3.185  -7.488  3.561   1.00 31.89 ? 2  G   K C6    1 
ATOM   289 O O6    . G   C 1 2 ? -3.828  -7.242  2.540   1.00 31.40 ? 2  G   K O6    1 
ATOM   290 N N1    . G   C 1 2 ? -3.718  -7.282  4.862   1.00 32.50 ? 2  G   K N1    1 
ATOM   291 C C2    . G   C 1 2 ? -3.081  -7.547  6.056   1.00 31.77 ? 2  G   K C2    1 
ATOM   292 N N2    . G   C 1 2 ? -3.770  -7.297  7.186   1.00 31.77 ? 2  G   K N2    1 
ATOM   293 N N3    . G   C 1 2 ? -1.823  -7.983  6.083   1.00 32.20 ? 2  G   K N3    1 
ATOM   294 C C4    . G   C 1 2 ? -1.306  -8.177  4.822   1.00 32.83 ? 2  G   K C4    1 
ATOM   295 P P     . C   C 1 3 ? 1.400   -13.645 6.063   1.00 42.31 ? 3  C   K P     1 
ATOM   296 O OP1   . C   C 1 3 ? 2.126   -14.666 6.882   1.00 42.69 ? 3  C   K OP1   1 
ATOM   297 O OP2   . C   C 1 3 ? 1.075   -13.811 4.641   1.00 40.26 ? 3  C   K OP2   1 
ATOM   298 O "O5'" . C   C 1 3 ? 0.026   -13.364 6.822   1.00 41.64 ? 3  C   K "O5'" 1 
ATOM   299 C "C5'" . C   C 1 3 ? 0.088   -13.229 8.214   1.00 40.57 ? 3  C   K "C5'" 1 
ATOM   300 C "C4'" . C   C 1 3 ? -1.279  -12.779 8.590   1.00 40.37 ? 3  C   K "C4'" 1 
ATOM   301 O "O4'" . C   C 1 3 ? -1.579  -11.504 7.989   1.00 39.69 ? 3  C   K "O4'" 1 
ATOM   302 C "C3'" . C   C 1 3 ? -2.340  -13.699 8.038   1.00 41.41 ? 3  C   K "C3'" 1 
ATOM   303 O "O3'" . C   C 1 3 ? -2.423  -14.870 8.841   1.00 43.98 ? 3  C   K "O3'" 1 
ATOM   304 C "C2'" . C   C 1 3 ? -3.543  -12.791 8.151   1.00 40.82 ? 3  C   K "C2'" 1 
ATOM   305 O "O2'" . C   C 1 3 ? -4.037  -12.666 9.463   1.00 43.89 ? 3  C   K "O2'" 1 
ATOM   306 C "C1'" . C   C 1 3 ? -2.970  -11.455 7.698   1.00 38.52 ? 3  C   K "C1'" 1 
ATOM   307 N N1    . C   C 1 3 ? -3.277  -11.209 6.237   1.00 36.43 ? 3  C   K N1    1 
ATOM   308 C C2    . C   C 1 3 ? -4.515  -10.652 5.884   1.00 35.93 ? 3  C   K C2    1 
ATOM   309 O O2    . C   C 1 3 ? -5.371  -10.331 6.746   1.00 36.09 ? 3  C   K O2    1 
ATOM   310 N N3    . C   C 1 3 ? -4.746  -10.437 4.568   1.00 34.65 ? 3  C   K N3    1 
ATOM   311 C C4    . C   C 1 3 ? -3.847  -10.779 3.659   1.00 35.19 ? 3  C   K C4    1 
ATOM   312 N N4    . C   C 1 3 ? -4.187  -10.535 2.400   1.00 35.72 ? 3  C   K N4    1 
ATOM   313 C C5    . C   C 1 3 ? -2.603  -11.370 3.980   1.00 36.06 ? 3  C   K C5    1 
ATOM   314 C C6    . C   C 1 3 ? -2.364  -11.566 5.270   1.00 37.70 ? 3  C   K C6    1 
ATOM   315 P P     . G   C 1 4 ? -3.116  -16.217 8.295   1.00 46.02 ? 4  G   K P     1 
ATOM   316 O OP1   . G   C 1 4 ? -2.836  -17.320 9.249   1.00 45.38 ? 4  G   K OP1   1 
ATOM   317 O OP2   . G   C 1 4 ? -2.727  -16.336 6.874   1.00 46.20 ? 4  G   K OP2   1 
ATOM   318 O "O5'" . G   C 1 4 ? -4.682  -15.873 8.322   1.00 43.12 ? 4  G   K "O5'" 1 
ATOM   319 C "C5'" . G   C 1 4 ? -5.292  -15.483 9.543   1.00 41.38 ? 4  G   K "C5'" 1 
ATOM   320 C "C4'" . G   C 1 4 ? -6.714  -15.074 9.270   1.00 40.26 ? 4  G   K "C4'" 1 
ATOM   321 O "O4'" . G   C 1 4 ? -6.826  -13.766 8.634   1.00 39.21 ? 4  G   K "O4'" 1 
ATOM   322 C "C3'" . G   C 1 4 ? -7.399  -16.021 8.293   1.00 41.82 ? 4  G   K "C3'" 1 
ATOM   323 O "O3'" . G   C 1 4 ? -7.682  -17.312 8.906   1.00 44.54 ? 4  G   K "O3'" 1 
ATOM   324 C "C2'" . G   C 1 4 ? -8.603  -15.159 7.869   1.00 40.69 ? 4  G   K "C2'" 1 
ATOM   325 O "O2'" . G   C 1 4 ? -9.667  -15.026 8.792   1.00 43.70 ? 4  G   K "O2'" 1 
ATOM   326 C "C1'" . G   C 1 4 ? -7.900  -13.817 7.674   1.00 37.39 ? 4  G   K "C1'" 1 
ATOM   327 N N9    . G   C 1 4 ? -7.421  -13.624 6.278   1.00 35.85 ? 4  G   K N9    1 
ATOM   328 C C8    . G   C 1 4 ? -6.170  -13.897 5.755   1.00 34.38 ? 4  G   K C8    1 
ATOM   329 N N7    . G   C 1 4 ? -6.050  -13.605 4.500   1.00 32.86 ? 4  G   K N7    1 
ATOM   330 C C5    . G   C 1 4 ? -7.293  -13.135 4.154   1.00 32.45 ? 4  G   K C5    1 
ATOM   331 C C6    . G   C 1 4 ? -7.747  -12.674 2.913   1.00 33.55 ? 4  G   K C6    1 
ATOM   332 O O6    . G   C 1 4 ? -7.123  -12.582 1.848   1.00 34.14 ? 4  G   K O6    1 
ATOM   333 N N1    . G   C 1 4 ? -9.083  -12.288 2.968   1.00 34.38 ? 4  G   K N1    1 
ATOM   334 C C2    . G   C 1 4 ? -9.885  -12.333 4.093   1.00 33.88 ? 4  G   K C2    1 
ATOM   335 N N2    . G   C 1 4 ? -11.155 -11.900 3.934   1.00 34.29 ? 4  G   K N2    1 
ATOM   336 N N3    . G   C 1 4 ? -9.456  -12.755 5.274   1.00 33.64 ? 4  G   K N3    1 
ATOM   337 C C4    . G   C 1 4 ? -8.157  -13.142 5.219   1.00 33.67 ? 4  G   K C4    1 
HETATM 338 P P     . 5CF C 1 5 ? -7.915  -18.681 8.044   1.00 47.34 ? 5  5CF K P     1 
HETATM 339 N N1    . 5CF C 1 5 ? -10.352 -16.089 4.106   1.00 35.25 ? 5  5CF K N1    1 
HETATM 340 C C2    . 5CF C 1 5 ? -10.507 -15.566 2.819   1.00 34.68 ? 5  5CF K C2    1 
HETATM 341 O O2    . 5CF C 1 5 ? -11.581 -15.113 2.414   1.00 34.61 ? 5  5CF K O2    1 
HETATM 342 N N3    . 5CF C 1 5 ? -9.476  -15.541 1.969   1.00 32.97 ? 5  5CF K N3    1 
HETATM 343 C C4    . 5CF C 1 5 ? -8.306  -15.993 2.304   1.00 33.80 ? 5  5CF K C4    1 
HETATM 344 N N4    . 5CF C 1 5 ? -7.324  -15.946 1.401   1.00 34.19 ? 5  5CF K N4    1 
HETATM 345 C C5    . 5CF C 1 5 ? -8.128  -16.495 3.590   1.00 34.09 ? 5  5CF K C5    1 
HETATM 346 F F5    . 5CF C 1 5 ? -7.103  -17.071 4.053   1.00 37.24 ? 5  5CF K F5    1 
HETATM 347 C C6    . 5CF C 1 5 ? -9.137  -16.534 4.451   1.00 35.29 ? 5  5CF K C6    1 
HETATM 348 C "C1'" . 5CF C 1 5 ? -11.489 -16.092 5.114   1.00 37.41 ? 5  5CF K "C1'" 1 
HETATM 349 C "C2'" . 5CF C 1 5 ? -12.543 -17.163 4.870   1.00 39.57 ? 5  5CF K "C2'" 1 
HETATM 350 O "O2'" . 5CF C 1 5 ? -13.862 -16.745 5.260   1.00 38.85 ? 5  5CF K "O2'" 1 
HETATM 351 C "C3'" . 5CF C 1 5 ? -11.905 -18.269 5.699   1.00 40.76 ? 5  5CF K "C3'" 1 
HETATM 352 O "O3'" . 5CF C 1 5 ? -12.865 -19.289 5.907   1.00 42.84 ? 5  5CF K "O3'" 1 
HETATM 353 C "C4'" . 5CF C 1 5 ? -11.540 -17.513 6.982   1.00 40.95 ? 5  5CF K "C4'" 1 
HETATM 354 O "O4'" . 5CF C 1 5 ? -11.010 -16.283 6.452   1.00 40.22 ? 5  5CF K "O4'" 1 
HETATM 355 C "C5'" . 5CF C 1 5 ? -10.510 -18.141 7.916   1.00 42.51 ? 5  5CF K "C5'" 1 
HETATM 356 O "O5'" . 5CF C 1 5 ? -9.290  -18.397 7.227   1.00 43.96 ? 5  5CF K "O5'" 1 
HETATM 357 O OP1   . 5CF C 1 5 ? -8.177  -19.794 9.029   1.00 46.17 ? 5  5CF K OP1   1 
HETATM 358 O OP2   . 5CF C 1 5 ? -6.751  -18.769 7.083   1.00 47.24 ? 5  5CF K OP2   1 
ATOM   359 P P     . G   C 1 6 ? -13.041 -20.481 4.863   1.00 42.63 ? 6  G   K P     1 
ATOM   360 O OP1   . G   C 1 6 ? -14.068 -21.389 5.445   1.00 41.59 ? 6  G   K OP1   1 
ATOM   361 O OP2   . G   C 1 6 ? -11.666 -20.986 4.590   1.00 43.64 ? 6  G   K OP2   1 
ATOM   362 O "O5'" . G   C 1 6 ? -13.591 -19.808 3.522   1.00 39.58 ? 6  G   K "O5'" 1 
ATOM   363 C "C5'" . G   C 1 6 ? -14.943 -19.531 3.308   1.00 38.13 ? 6  G   K "C5'" 1 
ATOM   364 C "C4'" . G   C 1 6 ? -15.136 -18.964 1.911   1.00 36.84 ? 6  G   K "C4'" 1 
ATOM   365 O "O4'" . G   C 1 6 ? -14.156 -17.922 1.706   1.00 35.76 ? 6  G   K "O4'" 1 
ATOM   366 C "C3'" . G   C 1 6 ? -14.887 -19.891 0.741   1.00 36.64 ? 6  G   K "C3'" 1 
ATOM   367 O "O3'" . G   C 1 6 ? -16.013 -20.723 0.514   1.00 38.76 ? 6  G   K "O3'" 1 
ATOM   368 C "C2'" . G   C 1 6 ? -14.657 -18.870 -0.376  1.00 35.32 ? 6  G   K "C2'" 1 
ATOM   369 O "O2'" . G   C 1 6 ? -15.814 -18.182 -0.861  1.00 35.85 ? 6  G   K "O2'" 1 
ATOM   370 C "C1'" . G   C 1 6 ? -13.714 -17.891 0.341   1.00 33.43 ? 6  G   K "C1'" 1 
ATOM   371 N N9    . G   C 1 6 ? -12.234 -18.119 0.280   1.00 31.21 ? 6  G   K N9    1 
ATOM   372 C C8    . G   C 1 6 ? -11.428 -18.601 1.292   1.00 30.91 ? 6  G   K C8    1 
ATOM   373 N N7    . G   C 1 6 ? -10.176 -18.676 0.959   1.00 30.62 ? 6  G   K N7    1 
ATOM   374 C C5    . G   C 1 6 ? -10.129 -18.196 -0.351  1.00 30.02 ? 6  G   K C5    1 
ATOM   375 C C6    . G   C 1 6 ? -9.026  -18.039 -1.244  1.00 30.34 ? 6  G   K C6    1 
ATOM   376 O O6    . G   C 1 6 ? -7.814  -18.290 -1.119  1.00 28.99 ? 6  G   K O6    1 
ATOM   377 N N1    . G   C 1 6 ? -9.458  -17.526 -2.459  1.00 31.21 ? 6  G   K N1    1 
ATOM   378 C C2    . G   C 1 6 ? -10.757 -17.221 -2.799  1.00 31.37 ? 6  G   K C2    1 
ATOM   379 N N2    . G   C 1 6 ? -10.925 -16.740 -4.054  1.00 31.56 ? 6  G   K N2    1 
ATOM   380 N N3    . G   C 1 6 ? -11.783 -17.374 -1.974  1.00 29.44 ? 6  G   K N3    1 
ATOM   381 C C4    . G   C 1 6 ? -11.393 -17.848 -0.773  1.00 29.04 ? 6  G   K C4    1 
HETATM 382 O O     . HOH D 2 . ? 5.845   9.842   7.890   1.00 23.42 ? 7  HOH A O     1 
HETATM 383 O O     . HOH D 2 . ? -2.968  12.316  -8.268  1.00 19.61 ? 8  HOH A O     1 
HETATM 384 O O     . HOH D 2 . ? 7.911   18.995  -6.027  1.00 26.77 ? 9  HOH A O     1 
HETATM 385 O O     . HOH D 2 . ? -0.912  14.644  -7.736  1.00 16.13 ? 10 HOH A O     1 
HETATM 386 O O     . HOH D 2 . ? 1.094   13.133  1.200   1.00 25.96 ? 13 HOH A O     1 
HETATM 387 O O     . HOH D 2 . ? 5.574   14.050  0.970   1.00 32.22 ? 14 HOH A O     1 
HETATM 388 O O     . HOH D 2 . ? 5.707   11.483  4.895   1.00 33.45 ? 15 HOH A O     1 
HETATM 389 O O     . HOH D 2 . ? 3.137   14.323  -0.303  1.00 22.62 ? 16 HOH A O     1 
HETATM 390 O O     . HOH D 2 . ? 10.548  12.286  4.032   1.00 24.64 ? 17 HOH A O     1 
HETATM 391 O O     . HOH D 2 . ? 2.015   10.367  1.922   1.00 29.12 ? 18 HOH A O     1 
HETATM 392 O O     . HOH D 2 . ? 7.743   12.782  3.744   1.00 30.65 ? 19 HOH A O     1 
HETATM 393 O O     . HOH D 2 . ? -1.133  5.239   0.845   1.00 30.62 ? 21 HOH A O     1 
HETATM 394 O O     . HOH D 2 . ? 3.467   7.936   5.383   1.00 32.16 ? 23 HOH A O     1 
HETATM 395 O O     . HOH D 2 . ? -4.559  2.320   -0.424  1.00 39.41 ? 26 HOH A O     1 
HETATM 396 O O     . HOH D 2 . ? 7.348   6.953   -6.866  1.00 39.97 ? 31 HOH A O     1 
HETATM 397 O O     . HOH D 2 . ? 8.514   9.739   -6.882  1.00 34.76 ? 32 HOH A O     1 
HETATM 398 O O     . HOH D 2 . ? 11.168  6.380   4.652   0.33 16.75 ? 33 HOH A O     1 
HETATM 399 O O     . HOH D 2 . ? -4.149  14.628  -9.629  0.50 27.41 ? 34 HOH A O     1 
HETATM 400 O O     . HOH D 2 . ? 11.638  9.761   5.120   0.33 17.92 ? 35 HOH A O     1 
HETATM 401 O O     . HOH D 2 . ? 1.457   4.669   6.029   1.00 33.02 ? 37 HOH A O     1 
HETATM 402 O O     . HOH D 2 . ? 6.588   16.338  1.567   1.00 45.38 ? 40 HOH A O     1 
HETATM 403 O O     . HOH D 2 . ? -4.842  0.121   -0.595  1.00 42.56 ? 41 HOH A O     1 
HETATM 404 O O     . HOH D 2 . ? 12.299  14.646  5.790   0.33 38.05 ? 42 HOH A O     1 
HETATM 405 O O     . HOH D 2 . ? 9.057   3.556   0.986   1.00 30.20 ? 44 HOH A O     1 
HETATM 406 O O     . HOH D 2 . ? 8.574   11.530  6.942   1.00 24.70 ? 45 HOH A O     1 
HETATM 407 O O     . HOH D 2 . ? 13.251  14.552  2.463   1.00 40.57 ? 52 HOH A O     1 
HETATM 408 O O     . HOH D 2 . ? 8.274   0.388   3.001   1.00 39.69 ? 54 HOH A O     1 
HETATM 409 O O     . HOH D 2 . ? 2.368   7.915   2.608   1.00 38.22 ? 55 HOH A O     1 
HETATM 410 O O     . HOH D 2 . ? 10.555  16.892  -3.924  1.00 39.93 ? 56 HOH A O     1 
HETATM 411 O O     . HOH D 2 . ? 11.191  12.617  -6.457  1.00 41.36 ? 58 HOH A O     1 
HETATM 412 O O     . HOH D 2 . ? -0.031  5.997   2.735   1.00 40.41 ? 59 HOH A O     1 
HETATM 413 O O     . HOH E 2 . ? -1.384  10.202  -9.078  1.00 20.85 ? 7  HOH B O     1 
HETATM 414 O O     . HOH E 2 . ? -2.456  4.875   -1.989  1.00 30.26 ? 8  HOH B O     1 
HETATM 415 O O     . HOH E 2 . ? -4.361  4.581   -4.531  1.00 26.51 ? 9  HOH B O     1 
HETATM 416 O O     . HOH E 2 . ? -9.761  3.236   -3.768  1.00 33.86 ? 10 HOH B O     1 
HETATM 417 O O     . HOH E 2 . ? 2.414   4.779   -12.776 1.00 22.67 ? 11 HOH B O     1 
HETATM 418 O O     . HOH E 2 . ? -7.084  3.410   -6.862  1.00 29.01 ? 12 HOH B O     1 
HETATM 419 O O     . HOH E 2 . ? 3.965   7.422   -9.065  1.00 23.33 ? 13 HOH B O     1 
HETATM 420 O O     . HOH E 2 . ? -6.656  12.237  -6.023  1.00 17.33 ? 14 HOH B O     1 
HETATM 421 O O     . HOH E 2 . ? -0.609  8.068   0.216   1.00 26.15 ? 20 HOH B O     1 
HETATM 422 O O     . HOH E 2 . ? -0.988  2.748   -3.287  1.00 37.90 ? 22 HOH B O     1 
HETATM 423 O O     . HOH E 2 . ? 0.783   -0.578  -7.683  1.00 32.71 ? 24 HOH B O     1 
HETATM 424 O O     . HOH E 2 . ? 9.813   -3.347  3.313   0.33 56.85 ? 25 HOH B O     1 
HETATM 425 O O     . HOH E 2 . ? -4.623  5.979   0.431   1.00 45.16 ? 27 HOH B O     1 
HETATM 426 O O     . HOH E 2 . ? -5.806  12.049  -8.347  1.00 30.74 ? 28 HOH B O     1 
HETATM 427 O O     . HOH E 2 . ? -6.844  8.542   2.442   1.00 36.80 ? 29 HOH B O     1 
HETATM 428 O O     . HOH E 2 . ? -7.244  5.694   -11.224 0.33 25.51 ? 36 HOH B O     1 
HETATM 429 O O     . HOH E 2 . ? 5.773   -5.556  -8.319  1.00 37.26 ? 43 HOH B O     1 
HETATM 430 O O     . HOH E 2 . ? -5.535  10.223  -10.455 1.00 34.40 ? 47 HOH B O     1 
HETATM 431 O O     . HOH E 2 . ? -2.263  2.292   -6.591  1.00 36.72 ? 48 HOH B O     1 
HETATM 432 O O     . HOH E 2 . ? 8.734   0.933   -9.427  1.00 39.77 ? 50 HOH B O     1 
HETATM 433 O O     . HOH E 2 . ? -6.890  8.317   -10.855 0.33 35.95 ? 51 HOH B O     1 
HETATM 434 O O     . HOH E 2 . ? -4.294  7.092   -1.636  1.00 39.41 ? 57 HOH B O     1 
HETATM 435 O O     . HOH E 2 . ? -3.617  8.990   3.076   1.00 31.26 ? 60 HOH B O     1 
HETATM 436 O O     . HOH F 2 . ? -15.089 -20.676 8.653   0.33 53.21 ? 30 HOH K O     1 
HETATM 437 O O     . HOH F 2 . ? -15.479 -23.641 8.215   0.33 46.15 ? 38 HOH K O     1 
HETATM 438 O O     . HOH F 2 . ? -0.078  -16.699 10.836  1.00 44.54 ? 39 HOH K O     1 
HETATM 439 O O     . HOH F 2 . ? -3.365  -5.723  -2.560  1.00 38.53 ? 46 HOH K O     1 
HETATM 440 O O     . HOH F 2 . ? -3.331  -10.701 -0.568  1.00 38.80 ? 49 HOH K O     1 
HETATM 441 O O     . HOH F 2 . ? -3.461  -14.526 3.187   1.00 37.77 ? 53 HOH K O     1 
# 
loop_
_atom_site_anisotrop.id 
_atom_site_anisotrop.type_symbol 
_atom_site_anisotrop.pdbx_label_atom_id 
_atom_site_anisotrop.pdbx_label_alt_id 
_atom_site_anisotrop.pdbx_label_comp_id 
_atom_site_anisotrop.pdbx_label_asym_id 
_atom_site_anisotrop.pdbx_label_seq_id 
_atom_site_anisotrop.pdbx_PDB_ins_code 
_atom_site_anisotrop.U[1][1] 
_atom_site_anisotrop.U[2][2] 
_atom_site_anisotrop.U[3][3] 
_atom_site_anisotrop.U[1][2] 
_atom_site_anisotrop.U[1][3] 
_atom_site_anisotrop.U[2][3] 
_atom_site_anisotrop.pdbx_auth_seq_id 
_atom_site_anisotrop.pdbx_auth_comp_id 
_atom_site_anisotrop.pdbx_auth_asym_id 
_atom_site_anisotrop.pdbx_auth_atom_id 
1   O "O5'" . C   A 1 ? 0.5682 0.5495 0.5456 -0.0082 0.0072  -0.0089 1  C   A "O5'" 
2   C "C5'" . C   A 1 ? 0.5199 0.5131 0.5119 -0.0010 0.0026  -0.0031 1  C   A "C5'" 
3   C "C4'" . C   A 1 ? 0.5079 0.5023 0.5142 -0.0057 0.0037  -0.0172 1  C   A "C4'" 
4   O "O4'" . C   A 1 ? 0.4868 0.4890 0.5115 -0.0148 0.0008  -0.0220 1  C   A "O4'" 
5   C "C3'" . C   A 1 ? 0.4953 0.4970 0.5028 -0.0204 0.0107  -0.0156 1  C   A "C3'" 
6   O "O3'" . C   A 1 ? 0.4990 0.4876 0.5071 -0.0264 0.0206  -0.0294 1  C   A "O3'" 
7   C "C2'" . C   A 1 ? 0.4840 0.4841 0.4985 -0.0253 0.0014  -0.0005 1  C   A "C2'" 
8   O "O2'" . C   A 1 ? 0.4662 0.4591 0.4825 -0.0599 -0.0084 0.0100  1  C   A "O2'" 
9   C "C1'" . C   A 1 ? 0.4705 0.4640 0.4616 -0.0128 -0.0019 -0.0044 1  C   A "C1'" 
10  N N1    . C   A 1 ? 0.4572 0.4575 0.4511 -0.0148 0.0037  -0.0054 1  C   A N1    
11  C C2    . C   A 1 ? 0.4359 0.4296 0.4529 -0.0141 -0.0035 -0.0047 1  C   A C2    
12  O O2    . C   A 1 ? 0.4352 0.4205 0.4472 -0.0191 -0.0044 0.0015  1  C   A O2    
13  N N3    . C   A 1 ? 0.4354 0.4194 0.4407 -0.0057 0.0115  -0.0132 1  C   A N3    
14  C C4    . C   A 1 ? 0.4445 0.3995 0.4351 -0.0144 0.0024  -0.0105 1  C   A C4    
15  N N4    . C   A 1 ? 0.4659 0.3940 0.4480 -0.0206 0.0122  -0.0083 1  C   A N4    
16  C C5    . C   A 1 ? 0.4349 0.4263 0.4444 -0.0208 -0.0018 -0.0021 1  C   A C5    
17  C C6    . C   A 1 ? 0.4370 0.4384 0.4396 -0.0180 0.0140  0.0045  1  C   A C6    
18  P P     . G   A 2 ? 0.4351 0.4537 0.4991 -0.0423 0.0206  -0.0467 2  G   A P     
19  O OP1   . G   A 2 ? 0.4933 0.5068 0.4905 -0.0610 0.0275  -0.0168 2  G   A OP1   
20  O OP2   . G   A 2 ? 0.4952 0.3841 0.4236 -0.0697 -0.0076 -0.0127 2  G   A OP2   
21  O "O5'" . G   A 2 ? 0.4224 0.3980 0.3958 -0.0244 -0.0220 0.0060  2  G   A "O5'" 
22  C "C5'" . G   A 2 ? 0.3589 0.3703 0.3751 -0.0072 0.0032  -0.0017 2  G   A "C5'" 
23  C "C4'" . G   A 2 ? 0.3341 0.3505 0.3382 -0.0119 -0.0108 -0.0075 2  G   A "C4'" 
24  O "O4'" . G   A 2 ? 0.3345 0.3945 0.3362 -0.0483 -0.0090 -0.0210 2  G   A "O4'" 
25  C "C3'" . G   A 2 ? 0.2969 0.3353 0.2686 -0.0246 -0.0200 0.0071  2  G   A "C3'" 
26  O "O3'" . G   A 2 ? 0.3027 0.3403 0.2691 -0.0165 0.0015  0.0139  2  G   A "O3'" 
27  C "C2'" . G   A 2 ? 0.2902 0.3277 0.3001 -0.0112 -0.0289 0.0140  2  G   A "C2'" 
28  O "O2'" . G   A 2 ? 0.3381 0.3798 0.3691 -0.0197 -0.0422 0.0116  2  G   A "O2'" 
29  C "C1'" . G   A 2 ? 0.3434 0.3632 0.3336 -0.0114 -0.0062 0.0010  2  G   A "C1'" 
30  N N9    . G   A 2 ? 0.3621 0.3460 0.3273 -0.0086 -0.0168 -0.0006 2  G   A N9    
31  C C8    . G   A 2 ? 0.3533 0.3255 0.3555 -0.0125 0.0143  -0.0071 2  G   A C8    
32  N N7    . G   A 2 ? 0.4067 0.3381 0.3456 -0.0139 0.0127  0.0076  2  G   A N7    
33  C C5    . G   A 2 ? 0.3623 0.2979 0.3252 -0.0206 -0.0088 0.0077  2  G   A C5    
34  C C6    . G   A 2 ? 0.4005 0.3648 0.3496 -0.0112 0.0020  0.0100  2  G   A C6    
35  O O6    . G   A 2 ? 0.4050 0.3587 0.3365 -0.0077 -0.0047 -0.0122 2  G   A O6    
36  N N1    . G   A 2 ? 0.3946 0.3258 0.3281 -0.0077 -0.0043 0.0035  2  G   A N1    
37  C C2    . G   A 2 ? 0.3858 0.3538 0.3524 0.0021  0.0073  0.0009  2  G   A C2    
38  N N2    . G   A 2 ? 0.3935 0.3785 0.3626 -0.0101 0.0219  -0.0007 2  G   A N2    
39  N N3    . G   A 2 ? 0.3706 0.3593 0.3456 -0.0055 0.0182  -0.0096 2  G   A N3    
40  C C4    . G   A 2 ? 0.3509 0.2985 0.3440 -0.0047 -0.0002 -0.0264 2  G   A C4    
41  P P     . C   A 3 ? 0.3040 0.3990 0.3140 -0.0488 -0.0007 0.0014  3  C   A P     
42  O OP1   . C   A 3 ? 0.3279 0.4146 0.3386 -0.0157 0.0034  -0.0451 3  C   A OP1   
43  O OP2   . C   A 3 ? 0.1668 0.2998 0.2557 0.0014  0.0242  -0.0385 3  C   A OP2   
44  O "O5'" . C   A 3 ? 0.3135 0.3401 0.2783 -0.0202 0.0385  -0.0163 3  C   A "O5'" 
45  C "C5'" . C   A 3 ? 0.3470 0.3448 0.3059 -0.0067 0.0293  -0.0099 3  C   A "C5'" 
46  C "C4'" . C   A 3 ? 0.2833 0.2761 0.2357 -0.0319 0.0078  0.0050  3  C   A "C4'" 
47  O "O4'" . C   A 3 ? 0.3125 0.2628 0.2538 -0.0290 0.0213  -0.0098 3  C   A "O4'" 
48  C "C3'" . C   A 3 ? 0.2161 0.2555 0.2049 -0.0111 -0.0099 -0.0095 3  C   A "C3'" 
49  O "O3'" . C   A 3 ? 0.2133 0.2597 0.2316 -0.0138 0.0078  -0.0213 3  C   A "O3'" 
50  C "C2'" . C   A 3 ? 0.2367 0.2392 0.2377 -0.0132 0.0068  -0.0164 3  C   A "C2'" 
51  O "O2'" . C   A 3 ? 0.2473 0.2469 0.2375 0.0148  0.0201  -0.0058 3  C   A "O2'" 
52  C "C1'" . C   A 3 ? 0.2739 0.2392 0.2536 -0.0081 0.0137  0.0026  3  C   A "C1'" 
53  N N1    . C   A 3 ? 0.2691 0.2552 0.2489 -0.0261 0.0365  -0.0008 3  C   A N1    
54  C C2    . C   A 3 ? 0.2428 0.2547 0.2143 -0.0127 0.0167  -0.0025 3  C   A C2    
55  O O2    . C   A 3 ? 0.2554 0.2666 0.2130 0.0146  0.0287  -0.0099 3  C   A O2    
56  N N3    . C   A 3 ? 0.2393 0.2320 0.2442 0.0096  0.0301  -0.0369 3  C   A N3    
57  C C4    . C   A 3 ? 0.2383 0.2502 0.2364 0.0007  0.0140  -0.0144 3  C   A C4    
58  N N4    . C   A 3 ? 0.2408 0.2852 0.2805 -0.0024 0.0015  -0.0325 3  C   A N4    
59  C C5    . C   A 3 ? 0.2682 0.2796 0.2545 -0.0043 0.0292  -0.0266 3  C   A C5    
60  C C6    . C   A 3 ? 0.2610 0.2636 0.2328 -0.0254 0.0338  -0.0073 3  C   A C6    
61  P P     . G   A 4 ? 0.1966 0.2475 0.2359 -0.0012 0.0067  -0.0048 4  G   A P     
62  O OP1   . G   A 4 ? 0.2013 0.2141 0.2195 -0.0040 -0.0065 -0.0035 4  G   A OP1   
63  O OP2   . G   A 4 ? 0.1938 0.2892 0.2750 -0.0138 0.0071  -0.0018 4  G   A OP2   
64  O "O5'" . G   A 4 ? 0.2039 0.2532 0.2266 -0.0149 -0.0148 0.0115  4  G   A "O5'" 
65  C "C5'" . G   A 4 ? 0.2126 0.2533 0.2505 -0.0089 -0.0272 0.0075  4  G   A "C5'" 
66  C "C4'" . G   A 4 ? 0.1852 0.2086 0.2442 0.0028  0.0178  0.0078  4  G   A "C4'" 
67  O "O4'" . G   A 4 ? 0.2253 0.2396 0.2233 -0.0034 -0.0051 0.0041  4  G   A "O4'" 
68  C "C3'" . G   A 4 ? 0.1775 0.2171 0.2138 -0.0104 -0.0050 0.0048  4  G   A "C3'" 
69  O "O3'" . G   A 4 ? 0.1971 0.2320 0.2192 -0.0062 -0.0235 0.0257  4  G   A "O3'" 
70  C "C2'" . G   A 4 ? 0.2136 0.2424 0.2160 0.0024  -0.0057 0.0048  4  G   A "C2'" 
71  O "O2'" . G   A 4 ? 0.1988 0.2615 0.2237 0.0107  -0.0199 -0.0172 4  G   A "O2'" 
72  C "C1'" . G   A 4 ? 0.2148 0.2448 0.2203 -0.0057 -0.0127 -0.0055 4  G   A "C1'" 
73  N N9    . G   A 4 ? 0.1916 0.2273 0.2070 -0.0112 -0.0179 0.0025  4  G   A N9    
74  C C8    . G   A 4 ? 0.2233 0.2337 0.2279 0.0021  -0.0200 0.0214  4  G   A C8    
75  N N7    . G   A 4 ? 0.2161 0.2205 0.2168 -0.0111 -0.0133 -0.0006 4  G   A N7    
76  C C5    . G   A 4 ? 0.2050 0.2129 0.2163 0.0088  -0.0018 0.0047  4  G   A C5    
77  C C6    . G   A 4 ? 0.2031 0.2462 0.1972 0.0047  -0.0061 -0.0025 4  G   A C6    
78  O O6    . G   A 4 ? 0.2028 0.2560 0.2232 -0.0108 -0.0156 -0.0093 4  G   A O6    
79  N N1    . G   A 4 ? 0.1800 0.2141 0.2097 -0.0025 -0.0027 0.0157  4  G   A N1    
80  C C2    . G   A 4 ? 0.1809 0.1915 0.2236 -0.0040 0.0000  0.0037  4  G   A C2    
81  N N2    . G   A 4 ? 0.2115 0.1956 0.2312 -0.0004 -0.0057 0.0041  4  G   A N2    
82  N N3    . G   A 4 ? 0.1953 0.2056 0.2103 -0.0029 -0.0052 -0.0096 4  G   A N3    
83  C C4    . G   A 4 ? 0.1911 0.2134 0.2081 0.0133  -0.0016 -0.0121 4  G   A C4    
84  P P     . 5CF A 5 ? 0.2111 0.2391 0.2479 -0.0120 -0.0298 0.0066  5  5CF A P     
85  N N1    . 5CF A 5 ? 0.1917 0.2265 0.2253 0.0119  -0.0092 -0.0009 5  5CF A N1    
86  C C2    . 5CF A 5 ? 0.1766 0.1992 0.2134 0.0231  -0.0131 -0.0062 5  5CF A C2    
87  O O2    . 5CF A 5 ? 0.1813 0.2207 0.2351 0.0104  -0.0072 -0.0055 5  5CF A O2    
88  N N3    . 5CF A 5 ? 0.1918 0.2022 0.2225 0.0116  -0.0116 0.0093  5  5CF A N3    
89  C C4    . 5CF A 5 ? 0.1972 0.1837 0.2409 -0.0012 -0.0079 0.0081  5  5CF A C4    
90  N N4    . 5CF A 5 ? 0.2258 0.2206 0.2145 0.0061  0.0005  0.0147  5  5CF A N4    
91  C C5    . 5CF A 5 ? 0.1953 0.2377 0.2203 0.0101  -0.0146 -0.0012 5  5CF A C5    
92  F F5    . 5CF A 5 ? 0.2686 0.3030 0.2653 -0.0082 -0.0149 -0.0057 5  5CF A F5    
93  C C6    . 5CF A 5 ? 0.1746 0.2456 0.2336 0.0105  -0.0241 -0.0063 5  5CF A C6    
94  C "C1'" . 5CF A 5 ? 0.1836 0.2456 0.2309 0.0149  -0.0132 0.0060  5  5CF A "C1'" 
95  C "C2'" . 5CF A 5 ? 0.1982 0.2350 0.2183 -0.0014 -0.0196 0.0135  5  5CF A "C2'" 
96  O "O2'" . 5CF A 5 ? 0.2036 0.2533 0.2332 0.0223  -0.0217 0.0017  5  5CF A "O2'" 
97  C "C3'" . 5CF A 5 ? 0.1892 0.2299 0.2190 -0.0085 -0.0035 0.0137  5  5CF A "C3'" 
98  O "O3'" . 5CF A 5 ? 0.1975 0.2644 0.2399 -0.0093 -0.0251 0.0234  5  5CF A "O3'" 
99  C "C4'" . 5CF A 5 ? 0.2192 0.2358 0.2419 0.0033  -0.0172 0.0038  5  5CF A "C4'" 
100 O "O4'" . 5CF A 5 ? 0.1789 0.2333 0.2594 0.0035  -0.0278 0.0172  5  5CF A "O4'" 
101 C "C5'" . 5CF A 5 ? 0.2245 0.2917 0.2697 0.0011  -0.0290 0.0031  5  5CF A "C5'" 
102 O "O5'" . 5CF A 5 ? 0.2007 0.2521 0.2474 -0.0045 -0.0254 0.0159  5  5CF A "O5'" 
103 O OP1   . 5CF A 5 ? 0.2485 0.2317 0.2420 -0.0154 -0.0420 0.0050  5  5CF A OP1   
104 O OP2   . 5CF A 5 ? 0.2656 0.2404 0.2546 0.0006  -0.0249 -0.0101 5  5CF A OP2   
105 P P     . G   A 6 ? 0.2370 0.2552 0.2217 -0.0254 -0.0304 0.0145  6  G   A P     
106 O OP1   . G   A 6 ? 0.2231 0.2904 0.2543 -0.0232 -0.0421 0.0130  6  G   A OP1   
107 O OP2   . G   A 6 ? 0.3025 0.2911 0.2103 -0.0350 -0.0432 0.0069  6  G   A OP2   
108 O "O5'" . G   A 6 ? 0.1928 0.2281 0.2049 -0.0299 -0.0149 -0.0042 6  G   A "O5'" 
109 C "C5'" . G   A 6 ? 0.1962 0.2136 0.1876 -0.0191 0.0070  -0.0056 6  G   A "C5'" 
110 C "C4'" . G   A 6 ? 0.1876 0.1866 0.1641 -0.0094 -0.0010 0.0006  6  G   A "C4'" 
111 O "O4'" . G   A 6 ? 0.1400 0.1759 0.1709 -0.0040 0.0059  0.0060  6  G   A "O4'" 
112 C "C3'" . G   A 6 ? 0.1849 0.1734 0.1707 -0.0127 -0.0046 0.0001  6  G   A "C3'" 
113 O "O3'" . G   A 6 ? 0.2180 0.1972 0.1769 0.0016  0.0097  0.0121  6  G   A "O3'" 
114 C "C2'" . G   A 6 ? 0.1599 0.1814 0.1451 0.0001  0.0186  -0.0004 6  G   A "C2'" 
115 O "O2'" . G   A 6 ? 0.1735 0.2041 0.1601 0.0043  0.0068  0.0083  6  G   A "O2'" 
116 C "C1'" . G   A 6 ? 0.1609 0.1824 0.1599 -0.0052 0.0086  0.0073  6  G   A "C1'" 
117 N N9    . G   A 6 ? 0.1592 0.1792 0.1649 -0.0053 0.0018  0.0130  6  G   A N9    
118 C C8    . G   A 6 ? 0.1792 0.2015 0.1573 -0.0087 0.0097  -0.0012 6  G   A C8    
119 N N7    . G   A 6 ? 0.1836 0.1928 0.1629 -0.0012 0.0023  -0.0075 6  G   A N7    
120 C C5    . G   A 6 ? 0.1574 0.1885 0.1664 -0.0103 0.0092  -0.0049 6  G   A C5    
121 C C6    . G   A 6 ? 0.1660 0.1651 0.1438 0.0014  0.0060  0.0098  6  G   A C6    
122 O O6    . G   A 6 ? 0.1854 0.2000 0.1496 -0.0017 0.0001  0.0127  6  G   A O6    
123 N N1    . G   A 6 ? 0.1507 0.1750 0.1785 0.0027  0.0141  -0.0033 6  G   A N1    
124 C C2    . G   A 6 ? 0.1558 0.1672 0.1660 -0.0047 0.0165  0.0077  6  G   A C2    
125 N N2    . G   A 6 ? 0.1457 0.1867 0.1624 0.0053  0.0010  0.0080  6  G   A N2    
126 N N3    . G   A 6 ? 0.1517 0.1841 0.1519 -0.0123 0.0055  0.0024  6  G   A N3    
127 C C4    . G   A 6 ? 0.1451 0.1728 0.1602 -0.0092 0.0080  -0.0010 6  G   A C4    
128 O "O5'" . C   B 1 ? 0.2381 0.2625 0.2858 -0.0033 0.0095  0.0371  1  C   B "O5'" 
129 C "C5'" . C   B 1 ? 0.2195 0.2074 0.2678 -0.0124 -0.0047 0.0300  1  C   B "C5'" 
130 C "C4'" . C   B 1 ? 0.2128 0.2016 0.2361 0.0119  0.0069  0.0083  1  C   B "C4'" 
131 O "O4'" . C   B 1 ? 0.1724 0.2104 0.2112 0.0089  0.0117  0.0134  1  C   B "O4'" 
132 C "C3'" . C   B 1 ? 0.2081 0.1854 0.2094 0.0070  -0.0088 0.0072  1  C   B "C3'" 
133 O "O3'" . C   B 1 ? 0.1919 0.2035 0.2466 0.0153  0.0028  0.0047  1  C   B "O3'" 
134 C "C2'" . C   B 1 ? 0.1885 0.2076 0.2002 0.0005  -0.0115 0.0001  1  C   B "C2'" 
135 O "O2'" . C   B 1 ? 0.1933 0.2053 0.2257 0.0068  -0.0110 0.0147  1  C   B "O2'" 
136 C "C1'" . C   B 1 ? 0.1583 0.1994 0.1901 0.0001  0.0117  0.0101  1  C   B "C1'" 
137 N N1    . C   B 1 ? 0.1782 0.1758 0.1835 0.0111  0.0208  0.0121  1  C   B N1    
138 C C2    . C   B 1 ? 0.1465 0.1765 0.1663 0.0038  0.0057  0.0044  1  C   B C2    
139 O O2    . C   B 1 ? 0.1666 0.1909 0.1699 0.0122  0.0046  0.0255  1  C   B O2    
140 N N3    . C   B 1 ? 0.1547 0.1757 0.1561 0.0075  0.0042  0.0174  1  C   B N3    
141 C C4    . C   B 1 ? 0.1808 0.1972 0.1524 0.0019  0.0106  0.0069  1  C   B C4    
142 N N4    . C   B 1 ? 0.1826 0.1995 0.1765 -0.0011 -0.0122 0.0103  1  C   B N4    
143 C C5    . C   B 1 ? 0.1891 0.2220 0.1915 -0.0156 0.0001  0.0232  1  C   B C5    
144 C C6    . C   B 1 ? 0.1786 0.2017 0.1848 -0.0127 0.0074  0.0151  1  C   B C6    
145 P P     . G   B 2 ? 0.1989 0.1995 0.2772 0.0060  -0.0075 0.0160  2  G   B P     
146 O OP1   . G   B 2 ? 0.2229 0.2285 0.2909 0.0200  -0.0227 0.0026  2  G   B OP1   
147 O OP2   . G   B 2 ? 0.1919 0.2116 0.2962 0.0237  -0.0100 0.0100  2  G   B OP2   
148 O "O5'" . G   B 2 ? 0.1991 0.2142 0.2601 0.0151  -0.0219 0.0045  2  G   B "O5'" 
149 C "C5'" . G   B 2 ? 0.2175 0.2267 0.2385 0.0150  -0.0077 0.0098  2  G   B "C5'" 
150 C "C4'" . G   B 2 ? 0.2253 0.1985 0.1914 0.0080  -0.0101 -0.0078 2  G   B "C4'" 
151 O "O4'" . G   B 2 ? 0.1949 0.2018 0.2229 0.0127  -0.0063 -0.0085 2  G   B "O4'" 
152 C "C3'" . G   B 2 ? 0.2103 0.2131 0.2057 0.0079  -0.0179 -0.0075 2  G   B "C3'" 
153 O "O3'" . G   B 2 ? 0.2309 0.2375 0.2290 0.0127  -0.0370 -0.0196 2  G   B "O3'" 
154 C "C2'" . G   B 2 ? 0.2125 0.1912 0.1983 0.0190  -0.0051 0.0077  2  G   B "C2'" 
155 O "O2'" . G   B 2 ? 0.2411 0.2235 0.2054 0.0185  -0.0327 0.0100  2  G   B "O2'" 
156 C "C1'" . G   B 2 ? 0.1838 0.1963 0.1930 0.0005  -0.0215 0.0064  2  G   B "C1'" 
157 N N9    . G   B 2 ? 0.1776 0.1591 0.1668 0.0081  -0.0013 0.0147  2  G   B N9    
158 C C8    . G   B 2 ? 0.1491 0.1727 0.1752 -0.0070 0.0058  0.0069  2  G   B C8    
159 N N7    . G   B 2 ? 0.1822 0.1812 0.1556 0.0039  -0.0072 0.0047  2  G   B N7    
160 C C5    . G   B 2 ? 0.1723 0.1807 0.1695 -0.0045 0.0071  -0.0010 2  G   B C5    
161 C C6    . G   B 2 ? 0.1802 0.1810 0.1569 0.0057  0.0104  -0.0124 2  G   B C6    
162 O O6    . G   B 2 ? 0.1636 0.2042 0.1830 0.0088  0.0021  0.0108  2  G   B O6    
163 N N1    . G   B 2 ? 0.1500 0.1728 0.1714 0.0050  -0.0011 0.0134  2  G   B N1    
164 C C2    . G   B 2 ? 0.1645 0.1870 0.1814 0.0157  0.0050  0.0168  2  G   B C2    
165 N N2    . G   B 2 ? 0.1624 0.1856 0.1967 0.0084  0.0065  0.0124  2  G   B N2    
166 N N3    . G   B 2 ? 0.1789 0.1599 0.1790 -0.0065 -0.0101 0.0113  2  G   B N3    
167 C C4    . G   B 2 ? 0.1594 0.1785 0.1738 -0.0006 -0.0069 -0.0020 2  G   B C4    
168 P P     . C   B 3 ? 0.2634 0.2358 0.2597 0.0035  -0.0097 -0.0333 3  C   B P     
169 O OP1   . C   B 3 ? 0.2823 0.2901 0.3185 -0.0162 -0.0002 -0.0498 3  C   B OP1   
170 O OP2   . C   B 3 ? 0.2567 0.2154 0.2731 0.0078  0.0131  -0.0067 3  C   B OP2   
171 O "O5'" . C   B 3 ? 0.2548 0.2127 0.2305 0.0153  0.0035  -0.0036 3  C   B "O5'" 
172 C "C5'" . C   B 3 ? 0.2501 0.2097 0.2284 -0.0042 0.0150  -0.0003 3  C   B "C5'" 
173 C "C4'" . C   B 3 ? 0.2487 0.2007 0.2169 0.0089  0.0094  -0.0004 3  C   B "C4'" 
174 O "O4'" . C   B 3 ? 0.2273 0.2104 0.2160 0.0340  -0.0220 0.0028  3  C   B "O4'" 
175 C "C3'" . C   B 3 ? 0.2672 0.2026 0.2358 0.0146  0.0049  -0.0020 3  C   B "C3'" 
176 O "O3'" . C   B 3 ? 0.2940 0.2242 0.2398 0.0003  0.0221  -0.0230 3  C   B "O3'" 
177 C "C2'" . C   B 3 ? 0.2451 0.2039 0.2286 0.0371  0.0018  0.0219  3  C   B "C2'" 
178 O "O2'" . C   B 3 ? 0.2494 0.2411 0.2019 0.0231  0.0303  0.0062  3  C   B "O2'" 
179 C "C1'" . C   B 3 ? 0.1863 0.2098 0.1930 0.0195  -0.0261 0.0101  3  C   B "C1'" 
180 N N1    . C   B 3 ? 0.2129 0.1889 0.1883 -0.0001 -0.0033 0.0119  3  C   B N1    
181 C C2    . C   B 3 ? 0.1931 0.1958 0.2313 0.0078  -0.0045 -0.0079 3  C   B C2    
182 O O2    . C   B 3 ? 0.1895 0.2184 0.2217 -0.0059 -0.0003 0.0128  3  C   B O2    
183 N N3    . C   B 3 ? 0.2034 0.2068 0.2150 0.0130  -0.0082 -0.0008 3  C   B N3    
184 C C4    . C   B 3 ? 0.1814 0.1912 0.1943 0.0250  0.0013  0.0029  3  C   B C4    
185 N N4    . C   B 3 ? 0.1840 0.2149 0.1943 0.0203  -0.0026 0.0057  3  C   B N4    
186 C C5    . C   B 3 ? 0.1925 0.1910 0.2164 0.0162  0.0006  0.0146  3  C   B C5    
187 C C6    . C   B 3 ? 0.1896 0.1969 0.2165 0.0181  -0.0126 0.0018  3  C   B C6    
188 P P     . G   B 4 ? 0.3477 0.2376 0.2697 0.0256  0.0389  -0.0274 4  G   B P     
189 O OP1   . G   B 4 ? 0.3828 0.3040 0.2834 0.0060  0.0084  -0.0227 4  G   B OP1   
190 O OP2   . G   B 4 ? 0.3497 0.2157 0.3193 0.0011  0.0228  0.0041  4  G   B OP2   
191 O "O5'" . G   B 4 ? 0.3246 0.2291 0.2786 0.0274  0.0212  0.0105  4  G   B "O5'" 
192 C "C5'" . G   B 4 ? 0.2967 0.2651 0.2791 0.0160  0.0191  -0.0049 4  G   B "C5'" 
193 C "C4'" . G   B 4 ? 0.3131 0.2838 0.2808 0.0241  0.0212  -0.0106 4  G   B "C4'" 
194 O "O4'" . G   B 4 ? 0.3389 0.2770 0.2520 0.0291  0.0211  0.0170  4  G   B "O4'" 
195 C "C3'" . G   B 4 ? 0.3204 0.2847 0.2571 0.0081  0.0141  -0.0190 4  G   B "C3'" 
196 O "O3'" . G   B 4 ? 0.3387 0.3160 0.2607 0.0222  0.0078  -0.0169 4  G   B "O3'" 
197 C "C2'" . G   B 4 ? 0.3095 0.2935 0.2986 0.0229  -0.0001 0.0072  4  G   B "C2'" 
198 O "O2'" . G   B 4 ? 0.3208 0.3426 0.2907 0.0300  0.0401  0.0234  4  G   B "O2'" 
199 C "C1'" . G   B 4 ? 0.3078 0.2578 0.2432 0.0183  0.0158  0.0057  4  G   B "C1'" 
200 N N9    . G   B 4 ? 0.2805 0.2217 0.2264 0.0348  0.0085  -0.0020 4  G   B N9    
201 C C8    . G   B 4 ? 0.2763 0.1823 0.2226 0.0268  0.0088  0.0135  4  G   B C8    
202 N N7    . G   B 4 ? 0.2652 0.2167 0.2417 0.0362  0.0087  0.0139  4  G   B N7    
203 C C5    . G   B 4 ? 0.2611 0.2008 0.2525 0.0256  0.0095  -0.0128 4  G   B C5    
204 C C6    . G   B 4 ? 0.2234 0.2311 0.2233 0.0119  0.0072  -0.0162 4  G   B C6    
205 O O6    . G   B 4 ? 0.2542 0.2486 0.2509 0.0330  0.0150  -0.0139 4  G   B O6    
206 N N1    . G   B 4 ? 0.2380 0.2205 0.2317 0.0318  0.0101  -0.0019 4  G   B N1    
207 C C2    . G   B 4 ? 0.2581 0.2182 0.2135 0.0226  0.0150  0.0007  4  G   B C2    
208 N N2    . G   B 4 ? 0.2582 0.2301 0.2525 0.0134  0.0100  0.0041  4  G   B N2    
209 N N3    . G   B 4 ? 0.2720 0.2170 0.2212 0.0271  0.0285  0.0043  4  G   B N3    
210 C C4    . G   B 4 ? 0.2741 0.2054 0.2152 0.0130  0.0181  -0.0192 4  G   B C4    
211 P P     . 5CF B 5 ? 0.3937 0.2928 0.3353 0.0718  0.0178  -0.0590 5  5CF B P     
212 N N1    . 5CF B 5 ? 0.3659 0.2549 0.3411 -0.0060 0.0295  -0.0196 5  5CF B N1    
213 C C2    . 5CF B 5 ? 0.3723 0.2542 0.3436 -0.0093 0.0138  0.0013  5  5CF B C2    
214 O O2    . 5CF B 5 ? 0.3880 0.3005 0.3415 -0.0110 0.0073  -0.0016 5  5CF B O2    
215 N N3    . 5CF B 5 ? 0.3688 0.2351 0.3229 -0.0285 0.0209  0.0072  5  5CF B N3    
216 C C4    . 5CF B 5 ? 0.3335 0.2986 0.3443 -0.0058 0.0042  0.0080  5  5CF B C4    
217 N N4    . 5CF B 5 ? 0.3711 0.3288 0.3559 0.0231  0.0311  -0.0090 5  5CF B N4    
218 C C5    . 5CF B 5 ? 0.3288 0.2584 0.3421 0.0052  0.0005  -0.0224 5  5CF B C5    
219 F F5    . 5CF B 5 ? 0.3753 0.3231 0.3876 0.0324  -0.0014 -0.0175 5  5CF B F5    
220 C C6    . 5CF B 5 ? 0.3398 0.2560 0.3189 -0.0063 0.0137  -0.0005 5  5CF B C6    
221 C "C1'" . 5CF B 5 ? 0.3305 0.2786 0.3285 0.0062  0.0041  -0.0006 5  5CF B "C1'" 
222 C "C2'" . 5CF B 5 ? 0.3490 0.2984 0.3569 0.0041  -0.0060 -0.0016 5  5CF B "C2'" 
223 O "O2'" . 5CF B 5 ? 0.3609 0.3034 0.3777 0.0099  -0.0411 -0.0280 5  5CF B "O2'" 
224 C "C3'" . 5CF B 5 ? 0.3521 0.3227 0.3542 0.0191  -0.0025 -0.0049 5  5CF B "C3'" 
225 O "O3'" . 5CF B 5 ? 0.3845 0.3513 0.4436 0.0116  -0.0127 0.0017  5  5CF B "O3'" 
226 C "C4'" . 5CF B 5 ? 0.3513 0.3142 0.3549 0.0229  0.0116  -0.0249 5  5CF B "C4'" 
227 O "O4'" . 5CF B 5 ? 0.3571 0.2814 0.3015 0.0420  0.0206  -0.0413 5  5CF B "O4'" 
228 C "C5'" . 5CF B 5 ? 0.3562 0.3528 0.3586 0.0309  0.0080  -0.0164 5  5CF B "C5'" 
229 O "O5'" . 5CF B 5 ? 0.3836 0.3561 0.3751 0.0366  -0.0017 -0.0221 5  5CF B "O5'" 
230 O OP1   . 5CF B 5 ? 0.4321 0.3836 0.3503 0.0420  0.0157  -0.0511 5  5CF B OP1   
231 O OP2   . 5CF B 5 ? 0.3677 0.3302 0.3504 0.0252  -0.0213 -0.0223 5  5CF B OP2   
232 P P     . G   B 6 ? 0.4269 0.3328 0.5403 0.0202  -0.0104 0.0033  6  G   B P     
233 O OP1   . G   B 6 ? 0.4447 0.4163 0.5515 0.0263  0.0045  -0.0050 6  G   B OP1   
234 O OP2   . G   B 6 ? 0.4433 0.4473 0.5221 0.0009  -0.0129 -0.0044 6  G   B OP2   
235 O "O5'" . G   B 6 ? 0.4252 0.3496 0.4958 -0.0008 -0.0068 0.0093  6  G   B "O5'" 
236 C "C5'" . G   B 6 ? 0.4416 0.3999 0.4423 -0.0041 0.0005  0.0009  6  G   B "C5'" 
237 C "C4'" . G   B 6 ? 0.4440 0.4172 0.4490 -0.0071 -0.0009 0.0003  6  G   B "C4'" 
238 O "O4'" . G   B 6 ? 0.4389 0.4089 0.4518 -0.0075 -0.0052 0.0123  6  G   B "O4'" 
239 C "C3'" . G   B 6 ? 0.4545 0.4348 0.4601 -0.0071 0.0031  0.0075  6  G   B "C3'" 
240 O "O3'" . G   B 6 ? 0.4514 0.4743 0.4913 0.0061  0.0002  0.0068  6  G   B "O3'" 
241 C "C2'" . G   B 6 ? 0.4617 0.4193 0.4590 -0.0094 0.0007  0.0103  6  G   B "C2'" 
242 O "O2'" . G   B 6 ? 0.4978 0.4347 0.4851 -0.0254 -0.0039 0.0188  6  G   B "O2'" 
243 C "C1'" . G   B 6 ? 0.4121 0.3873 0.4282 -0.0090 -0.0016 0.0039  6  G   B "C1'" 
244 N N9    . G   B 6 ? 0.4023 0.3427 0.4094 -0.0097 0.0067  0.0035  6  G   B N9    
245 C C8    . G   B 6 ? 0.3898 0.3360 0.4117 -0.0080 0.0053  0.0031  6  G   B C8    
246 N N7    . G   B 6 ? 0.3946 0.3381 0.4049 -0.0185 -0.0064 0.0041  6  G   B N7    
247 C C5    . G   B 6 ? 0.3832 0.3027 0.3988 -0.0162 -0.0002 0.0111  6  G   B C5    
248 C C6    . G   B 6 ? 0.3973 0.3323 0.3832 -0.0086 0.0066  0.0059  6  G   B C6    
249 O O6    . G   B 6 ? 0.3917 0.3594 0.4162 -0.0242 0.0128  0.0023  6  G   B O6    
250 N N1    . G   B 6 ? 0.4029 0.3746 0.4012 -0.0224 0.0018  -0.0046 6  G   B N1    
251 C C2    . G   B 6 ? 0.4082 0.3529 0.4069 -0.0120 -0.0006 0.0014  6  G   B C2    
252 N N2    . G   B 6 ? 0.4287 0.3669 0.4160 -0.0260 0.0147  -0.0001 6  G   B N2    
253 N N3    . G   B 6 ? 0.3918 0.3241 0.4064 -0.0239 0.0191  -0.0097 6  G   B N3    
254 C C4    . G   B 6 ? 0.3844 0.3027 0.3853 -0.0241 0.0033  0.0025  6  G   B C4    
255 O "O5'" . C   C 1 ? 0.4888 0.5184 0.5125 0.0140  -0.0143 -0.0011 1  C   K "O5'" 
256 C "C5'" . C   C 1 ? 0.4758 0.4984 0.4911 0.0053  -0.0060 -0.0101 1  C   K "C5'" 
257 C "C4'" . C   C 1 ? 0.4527 0.4657 0.4801 0.0058  0.0083  -0.0022 1  C   K "C4'" 
258 O "O4'" . C   C 1 ? 0.4188 0.4114 0.4494 -0.0046 0.0030  -0.0046 1  C   K "O4'" 
259 C "C3'" . C   C 1 ? 0.4706 0.4697 0.4674 0.0015  0.0087  0.0007  1  C   K "C3'" 
260 O "O3'" . C   C 1 ? 0.4673 0.4795 0.4965 0.0146  0.0096  0.0055  1  C   K "O3'" 
261 C "C2'" . C   C 1 ? 0.4600 0.4453 0.4665 -0.0089 -0.0042 0.0041  1  C   K "C2'" 
262 O "O2'" . C   C 1 ? 0.4370 0.4527 0.4713 -0.0179 -0.0071 0.0197  1  C   K "O2'" 
263 C "C1'" . C   C 1 ? 0.4016 0.3999 0.4215 0.0035  -0.0110 -0.0011 1  C   K "C1'" 
264 N N1    . C   C 1 ? 0.3868 0.3743 0.4013 -0.0041 0.0014  0.0033  1  C   K N1    
265 C C2    . C   C 1 ? 0.3897 0.3694 0.3833 -0.0143 -0.0117 -0.0028 1  C   K C2    
266 O O2    . C   C 1 ? 0.3773 0.3372 0.3885 -0.0227 -0.0218 -0.0170 1  C   K O2    
267 N N3    . C   C 1 ? 0.3553 0.3306 0.3746 -0.0286 -0.0064 0.0087  1  C   K N3    
268 C C4    . C   C 1 ? 0.3616 0.3469 0.3804 -0.0093 -0.0049 -0.0004 1  C   K C4    
269 N N4    . C   C 1 ? 0.3756 0.3589 0.3981 -0.0027 -0.0085 -0.0086 1  C   K N4    
270 C C5    . C   C 1 ? 0.3722 0.3669 0.3676 -0.0153 -0.0059 0.0067  1  C   K C5    
271 C C6    . C   C 1 ? 0.3704 0.3673 0.3741 -0.0104 0.0091  0.0020  1  C   K C6    
272 P P     . G   C 2 ? 0.4818 0.4489 0.5023 0.0037  -0.0044 -0.0064 2  G   K P     
273 O OP1   . G   C 2 ? 0.4954 0.4799 0.5097 0.0024  -0.0219 0.0041  2  G   K OP1   
274 O OP2   . G   C 2 ? 0.5003 0.4866 0.5059 -0.0004 -0.0133 -0.0187 2  G   K OP2   
275 O "O5'" . G   C 2 ? 0.4890 0.4576 0.4637 -0.0038 0.0014  0.0161  2  G   K "O5'" 
276 C "C5'" . G   C 2 ? 0.4818 0.4878 0.4892 -0.0002 0.0000  -0.0030 2  G   K "C5'" 
277 C "C4'" . G   C 2 ? 0.4959 0.4953 0.5018 -0.0015 0.0010  -0.0050 2  G   K "C4'" 
278 O "O4'" . G   C 2 ? 0.4697 0.5269 0.5231 0.0066  -0.0003 0.0007  2  G   K "O4'" 
279 C "C3'" . G   C 2 ? 0.4995 0.4927 0.4968 -0.0028 0.0041  0.0004  2  G   K "C3'" 
280 O "O3'" . G   C 2 ? 0.5267 0.5175 0.5205 0.0017  -0.0008 0.0019  2  G   K "O3'" 
281 C "C2'" . G   C 2 ? 0.4924 0.4773 0.4873 -0.0018 -0.0012 0.0020  2  G   K "C2'" 
282 O "O2'" . G   C 2 ? 0.5263 0.4970 0.5019 -0.0073 -0.0150 -0.0055 2  G   K "O2'" 
283 C "C1'" . G   C 2 ? 0.4466 0.4606 0.4566 0.0067  -0.0036 0.0002  2  G   K "C1'" 
284 N N9    . G   C 2 ? 0.4230 0.4379 0.4311 -0.0033 0.0043  -0.0033 2  G   K N9    
285 C C8    . G   C 2 ? 0.4143 0.3864 0.4175 -0.0060 -0.0008 -0.0022 2  G   K C8    
286 N N7    . G   C 2 ? 0.4165 0.3895 0.4112 -0.0203 0.0031  -0.0074 2  G   K N7    
287 C C5    . G   C 2 ? 0.4001 0.3975 0.4176 -0.0203 0.0069  -0.0007 2  G   K C5    
288 C C6    . G   C 2 ? 0.4067 0.3969 0.4079 -0.0112 0.0049  0.0034  2  G   K C6    
289 O O6    . G   C 2 ? 0.4051 0.3899 0.3979 -0.0272 0.0126  -0.0180 2  G   K O6    
290 N N1    . G   C 2 ? 0.4107 0.4020 0.4221 -0.0185 -0.0108 -0.0155 2  G   K N1    
291 C C2    . G   C 2 ? 0.4221 0.3797 0.4052 -0.0140 -0.0061 -0.0092 2  G   K C2    
292 N N2    . G   C 2 ? 0.4116 0.3777 0.4176 -0.0264 0.0097  -0.0030 2  G   K N2    
293 N N3    . G   C 2 ? 0.4149 0.3901 0.4184 -0.0092 0.0053  -0.0136 2  G   K N3    
294 C C4    . G   C 2 ? 0.4193 0.4147 0.4131 -0.0097 0.0027  0.0024  2  G   K C4    
295 P P     . C   C 3 ? 0.5443 0.5166 0.5464 -0.0105 -0.0002 -0.0148 3  C   K P     
296 O OP1   . C   C 3 ? 0.5563 0.5244 0.5412 0.0015  -0.0052 -0.0038 3  C   K OP1   
297 O OP2   . C   C 3 ? 0.5404 0.4973 0.4918 -0.0170 0.0021  -0.0040 3  C   K OP2   
298 O "O5'" . C   C 3 ? 0.5342 0.5187 0.5291 -0.0114 0.0028  -0.0021 3  C   K "O5'" 
299 C "C5'" . C   C 3 ? 0.5134 0.5201 0.5079 -0.0069 0.0061  -0.0007 3  C   K "C5'" 
300 C "C4'" . C   C 3 ? 0.5117 0.5139 0.5082 -0.0009 0.0012  -0.0017 3  C   K "C4'" 
301 O "O4'" . C   C 3 ? 0.4994 0.5272 0.4811 -0.0096 -0.0045 0.0092  3  C   K "O4'" 
302 C "C3'" . C   C 3 ? 0.5279 0.5233 0.5218 -0.0016 -0.0022 -0.0048 3  C   K "C3'" 
303 O "O3'" . C   C 3 ? 0.5778 0.5601 0.5331 -0.0080 -0.0023 0.0035  3  C   K "O3'" 
304 C "C2'" . C   C 3 ? 0.5229 0.5172 0.5108 -0.0038 0.0000  0.0032  3  C   K "C2'" 
305 O "O2'" . C   C 3 ? 0.5597 0.5747 0.5332 0.0006  0.0146  0.0116  3  C   K "O2'" 
306 C "C1'" . C   C 3 ? 0.4915 0.4955 0.4762 -0.0045 0.0026  0.0031  3  C   K "C1'" 
307 N N1    . C   C 3 ? 0.4603 0.4539 0.4698 -0.0075 -0.0003 -0.0036 3  C   K N1    
308 C C2    . C   C 3 ? 0.4676 0.4427 0.4546 -0.0168 0.0019  -0.0064 3  C   K C2    
309 O O2    . C   C 3 ? 0.4598 0.4424 0.4689 -0.0248 0.0034  -0.0097 3  C   K O2    
310 N N3    . C   C 3 ? 0.4566 0.4207 0.4391 -0.0289 -0.0004 -0.0199 3  C   K N3    
311 C C4    . C   C 3 ? 0.4465 0.4404 0.4501 -0.0242 0.0072  -0.0067 3  C   K C4    
312 N N4    . C   C 3 ? 0.4624 0.4342 0.4606 -0.0279 0.0021  -0.0027 3  C   K N4    
313 C C5    . C   C 3 ? 0.4637 0.4616 0.4447 -0.0119 0.0010  0.0008  3  C   K C5    
314 C C6    . C   C 3 ? 0.4844 0.4828 0.4653 -0.0109 -0.0013 0.0017  3  C   K C6    
315 P P     . G   C 4 ? 0.6031 0.5841 0.5612 -0.0042 0.0067  -0.0036 4  G   K P     
316 O OP1   . G   C 4 ? 0.5980 0.5484 0.5777 0.0048  -0.0057 0.0036  4  G   K OP1   
317 O OP2   . G   C 4 ? 0.6110 0.5875 0.5568 -0.0079 0.0213  -0.0132 4  G   K OP2   
318 O "O5'" . G   C 4 ? 0.5460 0.5609 0.5313 -0.0040 0.0055  -0.0034 4  G   K "O5'" 
319 C "C5'" . G   C 4 ? 0.5202 0.5259 0.5262 0.0014  -0.0015 -0.0045 4  G   K "C5'" 
320 C "C4'" . G   C 4 ? 0.5115 0.5136 0.5045 -0.0005 0.0002  -0.0033 4  G   K "C4'" 
321 O "O4'" . G   C 4 ? 0.5052 0.5134 0.4710 -0.0067 -0.0036 0.0012  4  G   K "O4'" 
322 C "C3'" . G   C 4 ? 0.5361 0.5261 0.5264 -0.0015 0.0012  -0.0040 4  G   K "C3'" 
323 O "O3'" . G   C 4 ? 0.5917 0.5440 0.5564 0.0008  0.0060  -0.0027 4  G   K "O3'" 
324 C "C2'" . G   C 4 ? 0.5192 0.5134 0.5132 -0.0041 0.0069  0.0021  4  G   K "C2'" 
325 O "O2'" . G   C 4 ? 0.5403 0.5822 0.5376 0.0078  0.0158  -0.0036 4  G   K "O2'" 
326 C "C1'" . G   C 4 ? 0.4792 0.4770 0.4645 -0.0006 0.0014  0.0033  4  G   K "C1'" 
327 N N9    . G   C 4 ? 0.4546 0.4468 0.4606 -0.0070 -0.0061 -0.0008 4  G   K N9    
328 C C8    . G   C 4 ? 0.4372 0.4305 0.4385 -0.0091 0.0012  -0.0046 4  G   K C8    
329 N N7    . G   C 4 ? 0.4258 0.4079 0.4146 -0.0108 0.0008  -0.0160 4  G   K N7    
330 C C5    . G   C 4 ? 0.4203 0.3916 0.4208 -0.0118 -0.0003 -0.0098 4  G   K C5    
331 C C6    . G   C 4 ? 0.4259 0.4131 0.4356 -0.0101 -0.0015 -0.0205 4  G   K C6    
332 O O6    . G   C 4 ? 0.4319 0.4215 0.4436 -0.0215 -0.0013 -0.0157 4  G   K O6    
333 N N1    . G   C 4 ? 0.4366 0.4176 0.4516 -0.0069 0.0010  -0.0147 4  G   K N1    
334 C C2    . G   C 4 ? 0.4343 0.4095 0.4432 -0.0139 0.0035  -0.0056 4  G   K C2    
335 N N2    . G   C 4 ? 0.4311 0.4153 0.4563 -0.0144 0.0013  -0.0046 4  G   K N2    
336 N N3    . G   C 4 ? 0.4252 0.4084 0.4445 -0.0157 -0.0120 -0.0124 4  G   K N3    
337 C C4    . G   C 4 ? 0.4319 0.4085 0.4386 -0.0096 -0.0053 -0.0081 4  G   K C4    
338 P P     . 5CF C 5 ? 0.6175 0.5853 0.5957 -0.0017 -0.0055 -0.0072 5  5CF K P     
339 N N1    . 5CF C 5 ? 0.4483 0.4425 0.4485 0.0047  -0.0071 -0.0086 5  5CF K N1    
340 C C2    . 5CF C 5 ? 0.4486 0.4218 0.4472 -0.0023 0.0040  -0.0151 5  5CF K C2    
341 O O2    . 5CF C 5 ? 0.4243 0.4279 0.4627 -0.0140 -0.0047 -0.0243 5  5CF K O2    
342 N N3    . 5CF C 5 ? 0.4239 0.3831 0.4455 -0.0092 -0.0021 -0.0232 5  5CF K N3    
343 C C4    . 5CF C 5 ? 0.4379 0.4052 0.4412 -0.0014 -0.0123 -0.0068 5  5CF K C4    
344 N N4    . 5CF C 5 ? 0.4363 0.4045 0.4579 -0.0049 0.0004  -0.0051 5  5CF K N4    
345 C C5    . 5CF C 5 ? 0.4271 0.4314 0.4366 0.0019  -0.0043 0.0011  5  5CF K C5    
346 F F5    . 5CF C 5 ? 0.4113 0.5133 0.4902 0.0105  0.0164  0.0003  5  5CF K F5    
347 C C6    . 5CF C 5 ? 0.4424 0.4438 0.4544 0.0173  0.0031  -0.0106 5  5CF K C6    
348 C "C1'" . 5CF C 5 ? 0.4652 0.4777 0.4782 -0.0030 0.0052  -0.0002 5  5CF K "C1'" 
349 C "C2'" . 5CF C 5 ? 0.5055 0.4952 0.5026 -0.0092 -0.0001 -0.0038 5  5CF K "C2'" 
350 O "O2'" . 5CF C 5 ? 0.4919 0.4982 0.4858 -0.0113 0.0214  -0.0188 5  5CF K "O2'" 
351 C "C3'" . 5CF C 5 ? 0.5170 0.5171 0.5145 -0.0040 -0.0011 0.0015  5  5CF K "C3'" 
352 O "O3'" . 5CF C 5 ? 0.5510 0.5287 0.5479 -0.0066 -0.0005 -0.0072 5  5CF K "O3'" 
353 C "C4'" . 5CF C 5 ? 0.5188 0.5162 0.5208 -0.0024 -0.0007 0.0038  5  5CF K "C4'" 
354 O "O4'" . 5CF C 5 ? 0.5059 0.5214 0.5010 0.0000  -0.0005 0.0064  5  5CF K "O4'" 
355 C "C5'" . 5CF C 5 ? 0.5291 0.5449 0.5410 0.0022  -0.0047 0.0015  5  5CF K "C5'" 
356 O "O5'" . 5CF C 5 ? 0.5406 0.5617 0.5678 0.0014  -0.0031 0.0019  5  5CF K "O5'" 
357 O OP1   . 5CF C 5 ? 0.6106 0.5701 0.5733 -0.0108 0.0040  0.0007  5  5CF K OP1   
358 O OP2   . 5CF C 5 ? 0.5985 0.5976 0.5985 0.0005  0.0110  -0.0038 5  5CF K OP2   
359 P P     . G   C 6 ? 0.5378 0.5241 0.5576 -0.0123 0.0015  -0.0133 6  G   K P     
360 O OP1   . G   C 6 ? 0.5203 0.5160 0.5439 -0.0132 0.0114  -0.0093 6  G   K OP1   
361 O OP2   . G   C 6 ? 0.5412 0.5485 0.5682 0.0014  0.0113  -0.0107 6  G   K OP2   
362 O "O5'" . G   C 6 ? 0.4962 0.4786 0.5291 -0.0169 -0.0020 0.0012  6  G   K "O5'" 
363 C "C5'" . G   C 6 ? 0.4812 0.4756 0.4917 -0.0050 0.0010  -0.0040 6  G   K "C5'" 
364 C "C4'" . G   C 6 ? 0.4625 0.4597 0.4775 -0.0117 0.0109  -0.0026 6  G   K "C4'" 
365 O "O4'" . G   C 6 ? 0.4528 0.4605 0.4451 -0.0012 0.0188  -0.0046 6  G   K "O4'" 
366 C "C3'" . G   C 6 ? 0.4686 0.4621 0.4615 -0.0082 0.0072  -0.0062 6  G   K "C3'" 
367 O "O3'" . G   C 6 ? 0.4858 0.4940 0.4929 -0.0074 0.0125  -0.0092 6  G   K "O3'" 
368 C "C2'" . G   C 6 ? 0.4470 0.4442 0.4508 -0.0091 -0.0011 -0.0185 6  G   K "C2'" 
369 O "O2'" . G   C 6 ? 0.4442 0.4424 0.4755 -0.0129 -0.0073 -0.0200 6  G   K "O2'" 
370 C "C1'" . G   C 6 ? 0.4157 0.4275 0.4268 0.0003  0.0059  -0.0085 6  G   K "C1'" 
371 N N9    . G   C 6 ? 0.3975 0.3916 0.3966 -0.0054 0.0012  -0.0121 6  G   K N9    
372 C C8    . G   C 6 ? 0.3808 0.3893 0.4044 -0.0032 0.0035  -0.0134 6  G   K C8    
373 N N7    . G   C 6 ? 0.3839 0.3847 0.3948 -0.0201 -0.0021 -0.0227 6  G   K N7    
374 C C5    . G   C 6 ? 0.3818 0.3731 0.3853 -0.0123 -0.0050 -0.0044 6  G   K C5    
375 C C6    . G   C 6 ? 0.3925 0.3910 0.3691 -0.0047 -0.0100 -0.0052 6  G   K C6    
376 O O6    . G   C 6 ? 0.3815 0.3668 0.3529 -0.0083 -0.0059 -0.0178 6  G   K O6    
377 N N1    . G   C 6 ? 0.4008 0.3871 0.3977 -0.0005 -0.0063 0.0052  6  G   K N1    
378 C C2    . G   C 6 ? 0.3918 0.3955 0.4044 0.0024  -0.0025 -0.0020 6  G   K C2    
379 N N2    . G   C 6 ? 0.4024 0.3984 0.3984 -0.0079 -0.0133 -0.0143 6  G   K N2    
380 N N3    . G   C 6 ? 0.3748 0.3636 0.3800 -0.0046 0.0021  -0.0070 6  G   K N3    
381 C C4    . G   C 6 ? 0.3651 0.3534 0.3848 -0.0065 0.0019  -0.0027 6  G   K C4    
382 O O     . HOH D . ? 0.3005 0.3165 0.2729 0.0254  -0.0080 -0.0003 7  HOH A O     
383 O O     . HOH D . ? 0.2606 0.2535 0.2309 -0.0071 -0.0071 0.0102  8  HOH A O     
384 O O     . HOH D . ? 0.3338 0.3275 0.3558 0.0002  -0.0158 0.0186  9  HOH A O     
385 O O     . HOH D . ? 0.2033 0.2055 0.2040 0.0007  -0.0008 -0.0038 10 HOH A O     
386 O O     . HOH D . ? 0.3463 0.3401 0.2999 -0.0001 -0.0326 0.0001  13 HOH A O     
387 O O     . HOH D . ? 0.4205 0.3982 0.4054 0.0125  -0.0204 0.0081  14 HOH A O     
388 O O     . HOH D . ? 0.4207 0.4219 0.4280 0.0238  0.0142  0.0066  15 HOH A O     
389 O O     . HOH D . ? 0.2936 0.3020 0.2638 -0.0037 -0.0227 -0.0074 16 HOH A O     
390 O O     . HOH D . ? 0.3149 0.3064 0.3149 0.0095  -0.0029 0.0045  17 HOH A O     
391 O O     . HOH D . ? 0.4143 0.3781 0.3138 -0.0028 -0.0125 -0.0007 18 HOH A O     
392 O O     . HOH D . ? 0.3705 0.3922 0.4017 0.0063  0.0149  -0.0071 19 HOH A O     
393 O O     . HOH D . ? 0.3760 0.3756 0.4120 0.0271  0.0260  0.0007  21 HOH A O     
394 O O     . HOH D . ? 0.4186 0.4139 0.3895 -0.0180 0.0081  -0.0062 23 HOH A O     
395 O O     . HOH D . ? 0.4890 0.5321 0.4762 -0.0191 -0.0106 0.0194  26 HOH A O     
396 O O     . HOH D . ? 0.4997 0.5038 0.5150 -0.0101 -0.0021 0.0080  31 HOH A O     
397 O O     . HOH D . ? 0.4610 0.4363 0.4232 0.0029  -0.0252 0.0351  32 HOH A O     
398 O O     . HOH D . ? 0.2105 0.2162 0.2097 0.0017  0.0003  -0.0016 33 HOH A O     
399 O O     . HOH D . ? 0.3526 0.3432 0.3457 -0.0013 0.0009  -0.0014 34 HOH A O     
400 O O     . HOH D . ? 0.2243 0.2329 0.2236 0.0016  0.0003  0.0003  35 HOH A O     
401 O O     . HOH D . ? 0.4646 0.4206 0.3694 -0.0134 0.0149  -0.0155 37 HOH A O     
402 O O     . HOH D . ? 0.5623 0.6010 0.5607 -0.0062 -0.0035 -0.0135 40 HOH A O     
403 O O     . HOH D . ? 0.5548 0.5327 0.5294 0.0011  -0.0291 -0.0191 41 HOH A O     
404 O O     . HOH D . ? 0.4850 0.4756 0.4850 -0.0012 -0.0002 -0.0014 42 HOH A O     
405 O O     . HOH D . ? 0.3913 0.4058 0.3503 -0.0219 0.0045  0.0110  44 HOH A O     
406 O O     . HOH D . ? 0.3320 0.3072 0.2993 0.0225  0.0170  0.0048  45 HOH A O     
407 O O     . HOH D . ? 0.4974 0.5244 0.5197 -0.0072 -0.0289 -0.0274 52 HOH A O     
408 O O     . HOH D . ? 0.5250 0.4854 0.4974 -0.0078 0.0046  -0.0145 54 HOH A O     
409 O O     . HOH D . ? 0.5013 0.4752 0.4756 0.0131  0.0305  -0.0085 55 HOH A O     
410 O O     . HOH D . ? 0.4969 0.5162 0.5038 -0.0020 -0.0055 0.0134  56 HOH A O     
411 O O     . HOH D . ? 0.5118 0.5382 0.5213 0.0023  0.0097  -0.0048 58 HOH A O     
412 O O     . HOH D . ? 0.4845 0.5193 0.5313 0.0237  0.0201  -0.0261 59 HOH A O     
413 O O     . HOH E . ? 0.2780 0.2660 0.2480 -0.0027 0.0057  0.0112  7  HOH B O     
414 O O     . HOH E . ? 0.3650 0.3874 0.3974 0.0080  0.0145  0.0444  8  HOH B O     
415 O O     . HOH E . ? 0.3257 0.3256 0.3560 0.0145  -0.0156 0.0145  9  HOH B O     
416 O O     . HOH E . ? 0.4433 0.4234 0.4194 0.0070  -0.0206 -0.0040 10 HOH B O     
417 O O     . HOH E . ? 0.3117 0.2703 0.2790 0.0096  0.0016  0.0144  11 HOH B O     
418 O O     . HOH E . ? 0.3728 0.3382 0.3910 0.0121  0.0075  -0.0405 12 HOH B O     
419 O O     . HOH E . ? 0.2985 0.2848 0.3030 0.0123  -0.0042 0.0108  13 HOH B O     
420 O O     . HOH E . ? 0.2041 0.2260 0.2283 -0.0019 0.0041  0.0010  14 HOH B O     
421 O O     . HOH E . ? 0.3460 0.3282 0.3191 -0.0133 0.0139  0.0243  20 HOH B O     
422 O O     . HOH E . ? 0.4328 0.4567 0.5502 -0.0083 -0.0075 0.0257  22 HOH B O     
423 O O     . HOH E . ? 0.4055 0.3976 0.4395 -0.0090 -0.0096 0.0090  24 HOH B O     
424 O O     . HOH E . ? 0.7152 0.7292 0.7155 0.0021  0.0001  0.0021  25 HOH B O     
425 O O     . HOH E . ? 0.5490 0.6295 0.5372 -0.0039 0.0081  0.0239  27 HOH B O     
426 O O     . HOH E . ? 0.3996 0.4153 0.3529 0.0310  -0.0216 -0.0103 28 HOH B O     
427 O O     . HOH E . ? 0.4846 0.4973 0.4161 0.0027  0.0399  0.0123  29 HOH B O     
428 O O     . HOH E . ? 0.3208 0.3258 0.3224 -0.0004 0.0008  0.0011  36 HOH B O     
429 O O     . HOH E . ? 0.4642 0.4714 0.4802 0.0192  -0.0026 -0.0292 43 HOH B O     
430 O O     . HOH E . ? 0.4282 0.4543 0.4244 0.0132  0.0008  -0.0002 47 HOH B O     
431 O O     . HOH E . ? 0.4584 0.4306 0.5062 -0.0046 -0.0189 -0.0065 48 HOH B O     
432 O O     . HOH E . ? 0.5058 0.5090 0.4961 0.0075  0.0147  -0.0111 50 HOH B O     
433 O O     . HOH E . ? 0.4589 0.4487 0.4582 -0.0013 -0.0004 -0.0011 51 HOH B O     
434 O O     . HOH E . ? 0.5077 0.4835 0.5061 0.0062  0.0283  -0.0109 57 HOH B O     
435 O O     . HOH E . ? 0.4172 0.3906 0.3799 0.0161  -0.0070 0.0103  60 HOH B O     
436 O O     . HOH F . ? 0.6715 0.6787 0.6714 0.0012  0.0002  0.0010  30 HOH K O     
437 O O     . HOH F . ? 0.5837 0.5874 0.5822 0.0007  0.0004  0.0006  38 HOH K O     
438 O O     . HOH F . ? 0.5649 0.5559 0.5712 0.0080  0.0049  -0.0179 39 HOH K O     
439 O O     . HOH F . ? 0.4661 0.4911 0.5067 -0.0326 -0.0113 -0.0034 46 HOH K O     
440 O O     . HOH F . ? 0.4779 0.4921 0.5043 -0.0111 0.0123  -0.0050 49 HOH K O     
441 O O     . HOH F . ? 0.4902 0.4638 0.4808 -0.0029 0.0048  -0.0149 53 HOH K O     
# 
